data_6E3Z
#
_entry.id   6E3Z
#
_cell.length_a   232.178
_cell.length_b   100.500
_cell.length_c   63.968
_cell.angle_alpha   90.000
_cell.angle_beta   103.220
_cell.angle_gamma   90.000
#
_symmetry.space_group_name_H-M   'C 1 2 1'
#
loop_
_entity.id
_entity.type
_entity.pdbx_description
1 polymer 'Beta-secretase 1'
2 non-polymer N-{3-[(2R,3R)-5-amino-3-methyl-2-(trifluoromethyl)-3,6-dihydro-2H-1,4-oxazin-3-yl]-4-fluorophenyl}-3,5-dichloropyridine-2-carboxamide
3 water water
#
_entity_poly.entity_id   1
_entity_poly.type   'polypeptide(L)'
_entity_poly.pdbx_seq_one_letter_code
;MHHHHHHTQHGIRLPLRSGLGGAPLGLRLPRETDEEPEEPGTTGSFVEMVDNLRGKSGQGYYVEMTVGSPPQTLNILVDT
GSSNFAVGAAPHPFLHRYYQRQLSSTYRDLRKGVYVPYTQGKWEGELGTDLVSIPHGPNVTVRANIAAITESDKFFINGS
NWEGILGLAYAEIARPDDSLEPFFDSLVKQTHVPNLFSLQLCGAGFPLNQSEVLASVGGSMIIGGIDHSLYTGSLWYTPI
RREWYYEVIIVRVEINGQDLKMDCKEYNYDKSIVDSGTTNLRLPKKVFEAAVKSIKAASSTEKFPDGFWLGEQLVCWQAG
TTPWNIFPVISLYLMGEVTNQSFRITILPQQYLRPVEDVATSQDDCYKFAISQSSTGTVMGAVIMEGFYVVFDRARKRIG
FAVSACHVHDEFRTAAVEGPFVTLDMEDCGYN
;
_entity_poly.pdbx_strand_id   A,B,C
#
loop_
_chem_comp.id
_chem_comp.type
_chem_comp.name
_chem_comp.formula
HRV non-polymer N-{3-[(2R,3R)-5-amino-3-methyl-2-(trifluoromethyl)-3,6-dihydro-2H-1,4-oxazin-3-yl]-4-fluorophenyl}-3,5-dichloropyridine-2-carboxamide 'C18 H14 Cl2 F4 N4 O2'
#
# COMPACT_ATOMS: atom_id res chain seq x y z
N THR A 43 4.37 8.41 -17.58
CA THR A 43 2.97 8.71 -17.28
C THR A 43 2.04 8.35 -18.43
N GLY A 44 0.75 8.24 -18.12
CA GLY A 44 -0.27 7.95 -19.10
C GLY A 44 -1.68 8.04 -18.52
N SER A 45 -2.58 7.24 -19.07
CA SER A 45 -3.99 7.23 -18.68
C SER A 45 -4.29 5.89 -18.02
N PHE A 46 -4.76 5.93 -16.79
CA PHE A 46 -5.12 4.75 -16.03
C PHE A 46 -6.59 4.85 -15.66
N VAL A 47 -7.44 4.74 -16.69
CA VAL A 47 -8.81 5.21 -16.60
C VAL A 47 -9.63 4.40 -15.61
N GLU A 48 -9.26 3.13 -15.36
CA GLU A 48 -10.05 2.31 -14.45
C GLU A 48 -9.80 2.65 -12.99
N MET A 49 -8.68 3.28 -12.67
CA MET A 49 -8.33 3.55 -11.29
C MET A 49 -8.63 4.99 -10.86
N VAL A 50 -8.94 5.85 -11.82
CA VAL A 50 -9.35 7.22 -11.52
C VAL A 50 -10.63 7.18 -10.70
N ASP A 51 -10.63 7.93 -9.59
CA ASP A 51 -11.80 8.07 -8.71
C ASP A 51 -12.14 6.77 -7.97
N ASN A 52 -11.16 5.94 -7.66
CA ASN A 52 -11.45 4.68 -6.98
C ASN A 52 -11.36 4.79 -5.45
N LEU A 53 -11.13 5.99 -4.92
CA LEU A 53 -11.07 6.18 -3.46
C LEU A 53 -12.30 6.93 -2.98
N ARG A 54 -12.73 6.60 -1.76
CA ARG A 54 -13.83 7.26 -1.10
C ARG A 54 -13.48 7.45 0.37
N GLY A 55 -14.17 8.40 1.01
CA GLY A 55 -14.09 8.54 2.45
C GLY A 55 -15.16 9.43 3.04
N LYS A 56 -15.44 9.26 4.34
CA LYS A 56 -16.22 10.23 5.09
C LYS A 56 -15.31 11.35 5.56
N SER A 57 -15.72 12.60 5.36
CA SER A 57 -14.86 13.71 5.74
C SER A 57 -14.48 13.57 7.22
N GLY A 58 -13.18 13.69 7.50
CA GLY A 58 -12.67 13.46 8.84
C GLY A 58 -12.24 12.04 9.10
N GLN A 59 -12.54 11.11 8.20
CA GLN A 59 -12.15 9.73 8.28
C GLN A 59 -11.22 9.42 7.10
N GLY A 60 -10.70 8.20 7.09
CA GLY A 60 -9.66 7.86 6.14
C GLY A 60 -10.20 7.51 4.77
N TYR A 61 -9.30 7.49 3.78
CA TYR A 61 -9.64 7.13 2.42
C TYR A 61 -9.57 5.63 2.26
N TYR A 62 -10.58 5.05 1.62
CA TYR A 62 -10.56 3.61 1.39
C TYR A 62 -10.77 3.26 -0.08
N VAL A 63 -10.31 2.07 -0.42
CA VAL A 63 -10.46 1.46 -1.74
C VAL A 63 -11.20 0.14 -1.58
N GLU A 64 -12.03 -0.19 -2.58
CA GLU A 64 -12.72 -1.47 -2.57
C GLU A 64 -11.74 -2.56 -2.97
N MET A 65 -11.78 -3.69 -2.25
CA MET A 65 -10.95 -4.84 -2.58
C MET A 65 -11.82 -6.09 -2.46
N THR A 66 -11.34 -7.19 -2.99
CA THR A 66 -12.00 -8.47 -2.75
C THR A 66 -11.00 -9.46 -2.21
N VAL A 67 -11.45 -10.34 -1.31
CA VAL A 67 -10.61 -11.39 -0.78
C VAL A 67 -11.36 -12.71 -0.93
N GLY A 68 -10.64 -13.76 -1.31
CA GLY A 68 -11.19 -15.10 -1.30
C GLY A 68 -11.87 -15.48 -2.60
N SER A 69 -12.30 -16.75 -2.63
CA SER A 69 -12.97 -17.34 -3.78
C SER A 69 -14.22 -18.06 -3.29
N PRO A 70 -15.43 -17.66 -3.72
CA PRO A 70 -15.76 -16.49 -4.54
C PRO A 70 -15.39 -15.19 -3.81
N PRO A 71 -15.21 -14.09 -4.55
CA PRO A 71 -14.66 -12.87 -3.94
C PRO A 71 -15.61 -12.26 -2.91
N GLN A 72 -15.04 -11.89 -1.77
CA GLN A 72 -15.75 -11.17 -0.73
C GLN A 72 -15.29 -9.71 -0.79
N THR A 73 -16.24 -8.80 -1.04
CA THR A 73 -15.91 -7.38 -1.14
C THR A 73 -15.79 -6.75 0.25
N LEU A 74 -14.78 -5.89 0.42
CA LEU A 74 -14.54 -5.13 1.63
C LEU A 74 -14.01 -3.76 1.23
N ASN A 75 -14.27 -2.75 2.07
CA ASN A 75 -13.65 -1.45 1.91
C ASN A 75 -12.41 -1.39 2.79
N ILE A 76 -11.28 -0.95 2.21
CA ILE A 76 -9.99 -1.10 2.86
C ILE A 76 -9.30 0.27 2.96
N LEU A 77 -8.95 0.66 4.17
CA LEU A 77 -8.24 1.92 4.41
C LEU A 77 -6.86 1.91 3.76
N VAL A 78 -6.56 2.96 2.98
CA VAL A 78 -5.25 3.08 2.33
C VAL A 78 -4.30 3.80 3.27
N ASP A 79 -3.24 3.11 3.71
CA ASP A 79 -2.37 3.60 4.78
C ASP A 79 -0.91 3.47 4.36
N THR A 80 -0.29 4.58 3.91
CA THR A 80 1.15 4.53 3.62
C THR A 80 1.98 4.62 4.89
N GLY A 81 1.36 4.64 6.06
CA GLY A 81 2.07 4.67 7.32
C GLY A 81 2.19 3.35 8.05
N SER A 82 1.83 2.23 7.41
CA SER A 82 1.95 0.92 8.03
C SER A 82 2.12 -0.10 6.91
N SER A 83 2.32 -1.37 7.27
CA SER A 83 2.77 -2.38 6.31
C SER A 83 2.04 -3.72 6.40
N ASN A 84 0.95 -3.82 7.15
CA ASN A 84 0.15 -5.03 7.20
C ASN A 84 -1.14 -4.86 6.42
N PHE A 85 -1.55 -5.94 5.73
CA PHE A 85 -2.88 -6.05 5.16
C PHE A 85 -3.71 -6.82 6.19
N ALA A 86 -4.66 -6.16 6.83
CA ALA A 86 -5.41 -6.78 7.90
C ALA A 86 -6.87 -6.42 7.73
N VAL A 87 -7.76 -7.42 7.88
CA VAL A 87 -9.18 -7.22 7.62
C VAL A 87 -9.99 -7.81 8.76
N GLY A 88 -11.09 -7.14 9.07
CA GLY A 88 -12.07 -7.68 9.98
C GLY A 88 -12.48 -9.07 9.53
N ALA A 89 -12.51 -10.02 10.46
CA ALA A 89 -12.81 -11.40 10.11
C ALA A 89 -13.64 -12.07 11.19
N ALA A 90 -14.36 -11.28 11.97
CA ALA A 90 -15.30 -11.75 12.98
C ALA A 90 -16.22 -10.58 13.23
N PRO A 91 -17.46 -10.82 13.63
CA PRO A 91 -18.42 -9.72 13.80
C PRO A 91 -17.92 -8.70 14.81
N HIS A 92 -18.42 -7.47 14.65
CA HIS A 92 -18.06 -6.34 15.49
C HIS A 92 -19.15 -5.30 15.33
N PRO A 93 -19.51 -4.58 16.39
CA PRO A 93 -20.59 -3.57 16.26
C PRO A 93 -20.36 -2.55 15.17
N PHE A 94 -19.10 -2.29 14.81
CA PHE A 94 -18.80 -1.26 13.82
C PHE A 94 -18.57 -1.81 12.42
N LEU A 95 -18.61 -3.13 12.25
CA LEU A 95 -18.45 -3.76 10.94
C LEU A 95 -19.79 -4.27 10.46
N HIS A 96 -20.18 -3.89 9.26
CA HIS A 96 -21.39 -4.45 8.66
C HIS A 96 -21.09 -5.58 7.71
N ARG A 97 -19.82 -5.88 7.46
CA ARG A 97 -19.43 -7.11 6.79
C ARG A 97 -18.01 -7.41 7.21
N TYR A 98 -17.59 -8.67 7.01
CA TYR A 98 -16.25 -9.06 7.40
C TYR A 98 -15.82 -10.26 6.56
N TYR A 99 -14.55 -10.60 6.66
CA TYR A 99 -13.94 -11.70 5.89
C TYR A 99 -14.33 -13.02 6.52
N GLN A 100 -15.00 -13.89 5.76
CA GLN A 100 -15.39 -15.22 6.26
C GLN A 100 -14.52 -16.27 5.59
N ARG A 101 -13.48 -16.69 6.31
CA ARG A 101 -12.48 -17.61 5.76
C ARG A 101 -13.09 -18.95 5.36
N GLN A 102 -14.11 -19.41 6.10
CA GLN A 102 -14.65 -20.73 5.83
C GLN A 102 -15.41 -20.77 4.51
N LEU A 103 -15.69 -19.63 3.90
CA LEU A 103 -16.42 -19.56 2.64
C LEU A 103 -15.52 -19.38 1.44
N SER A 104 -14.21 -19.33 1.66
CA SER A 104 -13.24 -19.15 0.58
C SER A 104 -12.49 -20.46 0.31
N SER A 105 -12.65 -20.99 -0.90
CA SER A 105 -11.96 -22.21 -1.28
C SER A 105 -10.46 -22.01 -1.45
N THR A 106 -10.00 -20.77 -1.59
CA THR A 106 -8.59 -20.51 -1.81
C THR A 106 -7.89 -20.04 -0.53
N TYR A 107 -8.61 -20.00 0.59
CA TYR A 107 -8.00 -19.64 1.87
C TYR A 107 -6.99 -20.69 2.31
N ARG A 108 -5.88 -20.24 2.88
CA ARG A 108 -4.88 -21.14 3.45
C ARG A 108 -4.46 -20.60 4.80
N ASP A 109 -4.45 -21.48 5.81
CA ASP A 109 -4.23 -21.10 7.18
C ASP A 109 -2.74 -21.19 7.50
N LEU A 110 -2.12 -20.06 7.87
CA LEU A 110 -0.73 -20.12 8.29
C LEU A 110 -0.56 -20.61 9.72
N ARG A 111 -1.67 -20.75 10.46
CA ARG A 111 -1.62 -21.31 11.81
C ARG A 111 -0.67 -20.53 12.72
N LYS A 112 -0.64 -19.20 12.55
CA LYS A 112 0.15 -18.34 13.41
C LYS A 112 -0.68 -17.12 13.77
N GLY A 113 -0.52 -16.64 14.99
CA GLY A 113 -1.21 -15.44 15.42
C GLY A 113 -0.36 -14.19 15.21
N VAL A 114 -1.04 -13.05 15.26
CA VAL A 114 -0.37 -11.75 15.21
C VAL A 114 -1.10 -10.82 16.17
N TYR A 115 -0.35 -10.09 16.99
CA TYR A 115 -0.92 -9.17 17.98
C TYR A 115 -0.29 -7.81 17.74
N VAL A 116 -1.12 -6.78 17.52
CA VAL A 116 -0.65 -5.46 17.08
C VAL A 116 -1.25 -4.38 17.95
N PRO A 117 -0.56 -3.93 18.99
CA PRO A 117 -1.00 -2.72 19.71
C PRO A 117 -0.43 -1.45 19.10
N TYR A 118 -1.28 -0.44 18.99
CA TYR A 118 -0.87 0.90 18.59
C TYR A 118 -0.83 1.79 19.82
N THR A 119 -0.45 3.05 19.61
CA THR A 119 -0.54 4.02 20.69
C THR A 119 -1.99 4.15 21.18
N GLN A 120 -2.92 4.30 20.24
CA GLN A 120 -4.35 4.32 20.49
C GLN A 120 -5.00 3.19 19.70
N GLY A 121 -5.40 2.12 20.38
CA GLY A 121 -6.07 1.00 19.76
C GLY A 121 -5.15 -0.22 19.58
N LYS A 122 -5.80 -1.35 19.28
CA LYS A 122 -5.07 -2.61 19.13
C LYS A 122 -5.96 -3.62 18.44
N TRP A 123 -5.31 -4.60 17.81
CA TRP A 123 -6.06 -5.71 17.26
C TRP A 123 -5.19 -6.96 17.29
N GLU A 124 -5.87 -8.09 17.23
CA GLU A 124 -5.25 -9.40 17.25
C GLU A 124 -5.87 -10.20 16.13
N GLY A 125 -5.07 -11.05 15.49
CA GLY A 125 -5.55 -11.71 14.30
C GLY A 125 -4.85 -13.04 14.09
N GLU A 126 -5.31 -13.75 13.07
CA GLU A 126 -4.76 -15.03 12.65
C GLU A 126 -4.26 -14.88 11.22
N LEU A 127 -3.00 -15.26 11.01
CA LEU A 127 -2.39 -15.10 9.69
C LEU A 127 -2.83 -16.22 8.76
N GLY A 128 -2.98 -15.88 7.49
CA GLY A 128 -3.24 -16.84 6.43
C GLY A 128 -2.96 -16.14 5.13
N THR A 129 -3.33 -16.80 4.03
CA THR A 129 -3.21 -16.23 2.71
C THR A 129 -4.50 -16.49 1.94
N ASP A 130 -4.70 -15.70 0.89
CA ASP A 130 -5.86 -15.87 0.03
C ASP A 130 -5.62 -15.04 -1.23
N LEU A 131 -6.50 -15.22 -2.22
CA LEU A 131 -6.45 -14.42 -3.44
C LEU A 131 -7.12 -13.06 -3.21
N VAL A 132 -6.49 -12.01 -3.75
CA VAL A 132 -6.89 -10.63 -3.48
C VAL A 132 -6.92 -9.89 -4.80
N SER A 133 -7.98 -9.09 -5.01
CA SER A 133 -8.09 -8.21 -6.16
C SER A 133 -8.53 -6.81 -5.73
N ILE A 134 -8.29 -5.86 -6.61
CA ILE A 134 -8.80 -4.50 -6.49
C ILE A 134 -9.67 -4.24 -7.71
N PRO A 135 -11.00 -4.29 -7.55
CA PRO A 135 -11.86 -4.25 -8.75
C PRO A 135 -11.65 -3.02 -9.62
N HIS A 136 -11.49 -1.84 -9.01
CA HIS A 136 -11.13 -0.63 -9.76
C HIS A 136 -9.62 -0.42 -9.69
N GLY A 137 -8.91 -1.35 -10.32
CA GLY A 137 -7.51 -1.55 -10.03
C GLY A 137 -6.72 -2.00 -11.23
N PRO A 138 -5.60 -2.68 -10.98
CA PRO A 138 -4.70 -3.07 -12.08
C PRO A 138 -5.09 -4.34 -12.81
N ASN A 139 -6.26 -4.92 -12.54
CA ASN A 139 -6.76 -6.04 -13.33
C ASN A 139 -5.89 -7.30 -13.18
N VAL A 140 -5.39 -7.52 -11.97
CA VAL A 140 -4.63 -8.73 -11.66
C VAL A 140 -5.03 -9.20 -10.27
N THR A 141 -4.90 -10.50 -10.06
CA THR A 141 -5.25 -11.14 -8.80
C THR A 141 -4.00 -11.76 -8.21
N VAL A 142 -3.73 -11.50 -6.94
CA VAL A 142 -2.51 -12.02 -6.34
C VAL A 142 -2.84 -12.74 -5.05
N ARG A 143 -1.97 -13.68 -4.67
N ARG A 143 -1.92 -13.62 -4.64
CA ARG A 143 -2.03 -14.30 -3.35
CA ARG A 143 -2.00 -14.32 -3.36
C ARG A 143 -1.20 -13.46 -2.39
C ARG A 143 -1.16 -13.57 -2.33
N ALA A 144 -1.82 -13.03 -1.31
CA ALA A 144 -1.19 -12.16 -0.32
C ALA A 144 -1.41 -12.72 1.09
N ASN A 145 -0.48 -12.37 1.97
CA ASN A 145 -0.71 -12.55 3.40
C ASN A 145 -1.88 -11.69 3.85
N ILE A 146 -2.75 -12.26 4.71
CA ILE A 146 -3.87 -11.52 5.27
C ILE A 146 -3.90 -11.76 6.77
N ALA A 147 -3.89 -10.69 7.56
CA ALA A 147 -4.14 -10.79 9.00
C ALA A 147 -5.65 -10.75 9.20
N ALA A 148 -6.25 -11.89 9.57
CA ALA A 148 -7.67 -11.98 9.82
C ALA A 148 -7.95 -11.51 11.24
N ILE A 149 -8.56 -10.34 11.39
CA ILE A 149 -8.71 -9.73 12.71
C ILE A 149 -9.89 -10.37 13.42
N THR A 150 -9.61 -10.97 14.58
CA THR A 150 -10.62 -11.68 15.35
C THR A 150 -10.98 -11.00 16.65
N GLU A 151 -10.16 -10.07 17.13
CA GLU A 151 -10.43 -9.29 18.33
C GLU A 151 -9.78 -7.93 18.13
N SER A 152 -10.38 -6.90 18.73
CA SER A 152 -9.85 -5.57 18.55
C SER A 152 -10.48 -4.64 19.58
N ASP A 153 -9.79 -3.53 19.81
CA ASP A 153 -10.23 -2.52 20.77
C ASP A 153 -9.82 -1.17 20.22
N LYS A 154 -10.79 -0.28 20.03
CA LYS A 154 -10.53 1.08 19.56
C LYS A 154 -9.77 1.09 18.23
N PHE A 155 -9.98 0.08 17.39
CA PHE A 155 -9.37 0.02 16.06
C PHE A 155 -10.37 0.40 14.97
N PHE A 156 -11.43 -0.37 14.81
CA PHE A 156 -12.50 0.00 13.90
C PHE A 156 -13.20 1.25 14.42
N ILE A 157 -13.59 2.12 13.51
CA ILE A 157 -14.18 3.41 13.82
C ILE A 157 -15.63 3.38 13.38
N ASN A 158 -16.51 3.74 14.28
CA ASN A 158 -17.94 3.73 14.02
C ASN A 158 -18.30 4.73 12.91
N GLY A 159 -18.87 4.22 11.83
CA GLY A 159 -19.30 5.07 10.72
C GLY A 159 -18.23 5.38 9.69
N SER A 160 -17.03 4.80 9.81
CA SER A 160 -15.94 5.12 8.89
C SER A 160 -16.14 4.44 7.54
N ASN A 161 -16.86 3.33 7.52
CA ASN A 161 -17.19 2.55 6.33
C ASN A 161 -16.02 1.75 5.76
N TRP A 162 -14.93 1.56 6.50
CA TRP A 162 -13.91 0.61 6.07
C TRP A 162 -13.85 -0.57 7.03
N GLU A 163 -13.42 -1.71 6.51
CA GLU A 163 -13.45 -2.97 7.25
C GLU A 163 -12.07 -3.59 7.39
N GLY A 164 -11.03 -2.90 6.91
CA GLY A 164 -9.68 -3.40 7.02
C GLY A 164 -8.74 -2.30 6.60
N ILE A 165 -7.45 -2.62 6.61
CA ILE A 165 -6.42 -1.62 6.36
C ILE A 165 -5.40 -2.23 5.43
N LEU A 166 -4.99 -1.46 4.42
CA LEU A 166 -3.96 -1.82 3.45
C LEU A 166 -2.70 -1.01 3.78
N GLY A 167 -1.78 -1.64 4.49
CA GLY A 167 -0.53 -0.98 4.81
C GLY A 167 0.41 -1.02 3.61
N LEU A 168 0.76 0.15 3.08
CA LEU A 168 1.56 0.25 1.86
C LEU A 168 3.02 0.59 2.10
N ALA A 169 3.47 0.70 3.36
CA ALA A 169 4.88 0.94 3.66
C ALA A 169 5.66 -0.37 3.59
N TYR A 170 6.92 -0.33 4.04
CA TYR A 170 7.83 -1.44 3.73
C TYR A 170 7.84 -2.50 4.82
N ALA A 171 8.42 -3.66 4.46
CA ALA A 171 8.40 -4.84 5.34
C ALA A 171 9.08 -4.58 6.67
N GLU A 172 10.03 -3.63 6.72
CA GLU A 172 10.77 -3.42 7.97
C GLU A 172 9.83 -3.18 9.14
N ILE A 173 8.68 -2.55 8.90
CA ILE A 173 7.76 -2.26 10.00
C ILE A 173 6.51 -3.16 9.96
N ALA A 174 6.58 -4.29 9.26
CA ALA A 174 5.46 -5.24 9.29
C ALA A 174 5.46 -6.03 10.59
N ARG A 175 4.25 -6.44 11.02
CA ARG A 175 4.12 -7.33 12.17
C ARG A 175 3.73 -8.73 11.72
N PRO A 176 4.21 -9.79 12.39
CA PRO A 176 5.04 -9.71 13.60
C PRO A 176 6.52 -9.45 13.33
N ASP A 177 6.97 -9.61 12.08
CA ASP A 177 8.35 -9.32 11.72
C ASP A 177 8.39 -9.03 10.23
N ASP A 178 9.59 -8.71 9.72
CA ASP A 178 9.71 -8.28 8.33
C ASP A 178 9.67 -9.44 7.33
N SER A 179 9.52 -10.67 7.80
CA SER A 179 9.34 -11.77 6.87
C SER A 179 7.91 -11.87 6.36
N LEU A 180 6.98 -11.11 6.93
CA LEU A 180 5.59 -11.15 6.46
C LEU A 180 5.49 -10.18 5.30
N GLU A 181 5.57 -10.71 4.10
CA GLU A 181 5.63 -9.85 2.92
C GLU A 181 4.38 -8.97 2.85
N PRO A 182 4.53 -7.65 2.71
CA PRO A 182 3.36 -6.77 2.55
C PRO A 182 2.70 -6.99 1.21
N PHE A 183 1.46 -6.49 1.11
CA PHE A 183 0.63 -6.72 -0.07
C PHE A 183 1.30 -6.21 -1.35
N PHE A 184 1.82 -4.99 -1.31
CA PHE A 184 2.34 -4.40 -2.55
C PHE A 184 3.59 -5.12 -3.02
N ASP A 185 4.43 -5.60 -2.08
CA ASP A 185 5.57 -6.42 -2.47
C ASP A 185 5.13 -7.68 -3.20
N SER A 186 4.09 -8.36 -2.68
CA SER A 186 3.56 -9.56 -3.34
C SER A 186 2.96 -9.23 -4.71
N LEU A 187 2.20 -8.14 -4.81
CA LEU A 187 1.59 -7.76 -6.08
C LEU A 187 2.64 -7.58 -7.18
N VAL A 188 3.73 -6.89 -6.85
CA VAL A 188 4.78 -6.62 -7.84
C VAL A 188 5.51 -7.90 -8.22
N LYS A 189 5.86 -8.73 -7.24
CA LYS A 189 6.58 -9.97 -7.55
C LYS A 189 5.76 -10.93 -8.38
N GLN A 190 4.45 -10.96 -8.21
CA GLN A 190 3.64 -11.98 -8.87
C GLN A 190 3.08 -11.53 -10.21
N THR A 191 3.14 -10.24 -10.53
CA THR A 191 2.58 -9.66 -11.74
C THR A 191 3.64 -8.79 -12.44
N HIS A 192 3.27 -8.19 -13.55
CA HIS A 192 4.14 -7.22 -14.20
C HIS A 192 3.78 -5.78 -13.82
N VAL A 193 3.10 -5.59 -12.70
CA VAL A 193 2.76 -4.23 -12.28
C VAL A 193 4.04 -3.49 -11.90
N PRO A 194 4.31 -2.32 -12.47
CA PRO A 194 5.49 -1.56 -12.07
C PRO A 194 5.50 -1.25 -10.57
N ASN A 195 6.70 -1.20 -10.00
CA ASN A 195 6.88 -1.02 -8.55
C ASN A 195 6.72 0.45 -8.17
N LEU A 196 5.46 0.91 -8.22
CA LEU A 196 5.14 2.31 -7.98
C LEU A 196 3.63 2.43 -7.84
N PHE A 197 3.19 3.31 -6.95
CA PHE A 197 1.79 3.69 -6.88
C PHE A 197 1.73 5.18 -6.62
N SER A 198 0.58 5.78 -6.89
CA SER A 198 0.41 7.22 -6.70
C SER A 198 -0.96 7.48 -6.10
N LEU A 199 -1.06 8.55 -5.30
CA LEU A 199 -2.26 8.87 -4.54
C LEU A 199 -2.67 10.32 -4.79
N GLN A 200 -3.94 10.53 -5.14
CA GLN A 200 -4.54 11.86 -5.22
C GLN A 200 -5.69 11.86 -4.22
N LEU A 201 -5.50 12.53 -3.09
CA LEU A 201 -6.54 12.59 -2.05
C LEU A 201 -7.20 13.96 -2.17
N CYS A 202 -8.49 13.97 -2.45
CA CYS A 202 -9.11 15.23 -2.88
C CYS A 202 -9.71 16.06 -1.76
N GLY A 203 -10.38 15.49 -0.77
CA GLY A 203 -10.76 16.38 0.33
C GLY A 203 -11.89 17.36 0.08
N ALA A 204 -12.38 17.99 1.14
CA ALA A 204 -13.73 18.52 1.17
C ALA A 204 -13.73 20.04 1.32
N GLY A 205 -14.91 20.62 1.08
CA GLY A 205 -15.16 22.03 1.27
C GLY A 205 -16.63 22.27 1.56
N ALA A 215 -20.70 15.99 2.74
CA ALA A 215 -20.17 15.53 1.46
C ALA A 215 -18.97 14.60 1.65
N SER A 216 -19.06 13.39 1.10
CA SER A 216 -17.95 12.46 1.19
C SER A 216 -16.78 12.90 0.32
N VAL A 217 -15.57 12.53 0.75
CA VAL A 217 -14.36 12.86 0.02
C VAL A 217 -14.04 11.72 -0.94
N GLY A 218 -13.19 12.02 -1.92
CA GLY A 218 -12.80 11.02 -2.90
C GLY A 218 -11.37 11.21 -3.35
N GLY A 219 -10.95 10.42 -4.35
CA GLY A 219 -9.58 10.48 -4.82
C GLY A 219 -9.26 9.29 -5.70
N SER A 220 -7.97 9.15 -5.97
CA SER A 220 -7.50 8.09 -6.87
C SER A 220 -6.25 7.46 -6.26
N MET A 221 -6.19 6.13 -6.29
CA MET A 221 -4.95 5.39 -6.08
C MET A 221 -4.62 4.70 -7.39
N ILE A 222 -3.58 5.17 -8.05
CA ILE A 222 -3.12 4.57 -9.31
C ILE A 222 -2.06 3.54 -8.97
N ILE A 223 -2.40 2.26 -9.16
CA ILE A 223 -1.49 1.16 -8.88
C ILE A 223 -0.69 0.88 -10.15
N GLY A 224 0.62 1.01 -10.06
CA GLY A 224 1.51 0.72 -11.16
C GLY A 224 1.83 1.88 -12.07
N GLY A 225 1.44 3.11 -11.72
CA GLY A 225 1.66 4.17 -12.69
C GLY A 225 1.31 5.55 -12.16
N ILE A 226 1.43 6.53 -13.07
CA ILE A 226 1.20 7.95 -12.84
C ILE A 226 0.18 8.41 -13.87
N ASP A 227 -0.99 8.89 -13.42
CA ASP A 227 -2.04 9.30 -14.36
C ASP A 227 -1.88 10.79 -14.63
N HIS A 228 -1.63 11.15 -15.88
CA HIS A 228 -1.32 12.52 -16.24
C HIS A 228 -2.50 13.47 -16.01
N SER A 229 -3.73 12.95 -15.92
CA SER A 229 -4.87 13.84 -15.77
C SER A 229 -5.05 14.32 -14.34
N LEU A 230 -4.32 13.76 -13.39
CA LEU A 230 -4.56 14.04 -11.98
C LEU A 230 -3.72 15.18 -11.44
N TYR A 231 -2.89 15.80 -12.27
CA TYR A 231 -2.04 16.89 -11.78
C TYR A 231 -1.81 17.88 -12.91
N THR A 232 -1.28 19.04 -12.55
CA THR A 232 -0.83 20.03 -13.51
C THR A 232 0.60 20.41 -13.16
N GLY A 233 1.32 20.98 -14.12
CA GLY A 233 2.67 21.40 -13.83
C GLY A 233 3.65 20.24 -13.70
N SER A 234 4.77 20.53 -13.05
CA SER A 234 5.87 19.57 -12.97
C SER A 234 5.75 18.69 -11.74
N LEU A 235 6.17 17.43 -11.89
CA LEU A 235 6.43 16.55 -10.78
C LEU A 235 7.85 16.76 -10.27
N TRP A 236 7.98 17.04 -8.98
CA TRP A 236 9.29 17.19 -8.33
C TRP A 236 9.50 16.04 -7.35
N TYR A 237 10.67 15.41 -7.37
CA TYR A 237 10.94 14.22 -6.56
C TYR A 237 11.92 14.50 -5.43
N THR A 238 11.61 13.95 -4.27
CA THR A 238 12.48 13.93 -3.11
C THR A 238 12.91 12.48 -2.82
N PRO A 239 14.14 12.24 -2.38
CA PRO A 239 14.58 10.86 -2.15
C PRO A 239 13.80 10.21 -1.02
N ILE A 240 13.53 8.91 -1.15
CA ILE A 240 13.11 8.14 0.00
C ILE A 240 14.38 7.88 0.81
N ARG A 241 14.48 8.48 2.00
CA ARG A 241 15.74 8.43 2.74
C ARG A 241 16.05 7.01 3.20
N ARG A 242 15.02 6.29 3.63
CA ARG A 242 15.18 4.92 4.09
C ARG A 242 13.85 4.20 3.90
N GLU A 243 13.91 2.94 3.50
CA GLU A 243 12.72 2.19 3.14
C GLU A 243 12.18 1.47 4.37
N TRP A 244 11.42 2.21 5.17
CA TRP A 244 10.64 1.60 6.25
C TRP A 244 9.26 2.24 6.26
N TYR A 245 9.09 3.39 6.92
CA TYR A 245 8.09 4.33 6.49
C TYR A 245 8.56 4.96 5.17
N TYR A 246 7.72 5.83 4.59
CA TYR A 246 8.15 6.63 3.45
C TYR A 246 8.80 7.89 4.02
N GLU A 247 10.09 7.76 4.36
CA GLU A 247 10.83 8.81 5.06
C GLU A 247 11.48 9.76 4.08
N VAL A 248 11.36 11.07 4.36
CA VAL A 248 11.91 12.15 3.53
C VAL A 248 12.62 13.15 4.43
N ILE A 249 13.24 14.16 3.80
CA ILE A 249 14.00 15.19 4.51
C ILE A 249 13.48 16.56 4.11
N ILE A 250 13.00 17.31 5.10
CA ILE A 250 12.58 18.69 4.92
C ILE A 250 13.77 19.60 5.21
N VAL A 251 14.03 20.56 4.33
CA VAL A 251 15.23 21.39 4.49
C VAL A 251 14.94 22.85 4.81
N ARG A 252 13.68 23.30 4.73
CA ARG A 252 13.35 24.68 5.05
C ARG A 252 11.83 24.76 5.19
N VAL A 253 11.34 25.67 6.05
CA VAL A 253 9.91 25.86 6.25
C VAL A 253 9.61 27.35 6.22
N GLU A 254 8.59 27.75 5.45
CA GLU A 254 8.13 29.13 5.36
C GLU A 254 6.65 29.22 5.72
N ILE A 255 6.28 30.31 6.38
CA ILE A 255 4.89 30.71 6.57
C ILE A 255 4.71 32.01 5.80
N ASN A 256 3.89 31.96 4.74
CA ASN A 256 3.71 33.13 3.87
C ASN A 256 5.06 33.70 3.45
N GLY A 257 5.99 32.81 3.08
CA GLY A 257 7.31 33.23 2.62
C GLY A 257 8.30 33.64 3.70
N GLN A 258 7.86 33.76 4.95
CA GLN A 258 8.76 34.11 6.05
C GLN A 258 9.40 32.84 6.63
N ASP A 259 10.72 32.79 6.61
CA ASP A 259 11.47 31.63 7.04
C ASP A 259 11.26 31.37 8.52
N LEU A 260 10.91 30.12 8.88
CA LEU A 260 10.79 29.75 10.28
C LEU A 260 12.13 29.83 10.99
N LYS A 261 13.23 29.62 10.25
CA LYS A 261 14.58 29.98 10.69
C LYS A 261 15.06 29.10 11.84
N MET A 262 14.75 27.81 11.78
CA MET A 262 15.24 26.82 12.71
C MET A 262 16.37 26.03 12.07
N ASP A 263 17.22 25.45 12.92
CA ASP A 263 18.12 24.41 12.45
C ASP A 263 17.31 23.32 11.76
N CYS A 264 17.65 23.03 10.51
CA CYS A 264 16.78 22.16 9.72
C CYS A 264 16.70 20.75 10.29
N LYS A 265 17.67 20.34 11.13
CA LYS A 265 17.53 19.07 11.84
C LYS A 265 16.25 19.01 12.67
N GLU A 266 15.79 20.14 13.20
CA GLU A 266 14.58 20.15 14.01
C GLU A 266 13.37 19.72 13.20
N TYR A 267 13.37 20.00 11.90
CA TYR A 267 12.25 19.65 11.04
C TYR A 267 12.15 18.14 10.83
N ASN A 268 13.21 17.40 11.11
CA ASN A 268 13.19 15.98 10.81
C ASN A 268 13.58 15.16 12.03
N TYR A 269 13.26 15.66 13.22
CA TYR A 269 13.56 14.98 14.47
C TYR A 269 12.29 14.34 15.01
N ASP A 270 12.27 12.99 15.11
CA ASP A 270 13.37 12.10 14.74
C ASP A 270 13.24 11.54 13.31
N LYS A 271 12.17 11.91 12.60
CA LYS A 271 11.99 11.52 11.21
C LYS A 271 10.91 12.41 10.62
N SER A 272 10.78 12.35 9.30
CA SER A 272 9.67 12.95 8.57
C SER A 272 9.15 11.90 7.60
N ILE A 273 7.84 11.67 7.61
CA ILE A 273 7.23 10.64 6.78
C ILE A 273 6.01 11.19 6.08
N VAL A 274 5.66 10.56 4.96
CA VAL A 274 4.46 10.85 4.18
C VAL A 274 3.44 9.75 4.46
N ASP A 275 2.28 10.13 5.02
CA ASP A 275 1.39 9.18 5.71
C ASP A 275 -0.07 9.46 5.33
N SER A 276 -0.61 8.69 4.39
CA SER A 276 -2.05 8.81 4.08
C SER A 276 -2.94 8.34 5.23
N GLY A 277 -2.40 7.70 6.25
CA GLY A 277 -3.21 7.21 7.36
C GLY A 277 -3.31 8.16 8.54
N THR A 278 -2.96 9.43 8.34
CA THR A 278 -3.00 10.47 9.36
C THR A 278 -3.65 11.70 8.76
N THR A 279 -4.58 12.33 9.50
CA THR A 279 -5.20 13.55 8.99
C THR A 279 -4.23 14.73 9.05
N ASN A 280 -3.67 15.00 10.22
CA ASN A 280 -3.03 16.28 10.45
C ASN A 280 -1.66 16.40 9.77
N LEU A 281 -1.21 17.66 9.63
CA LEU A 281 0.22 17.91 9.53
C LEU A 281 0.74 17.95 10.96
N ARG A 282 1.55 16.96 11.32
CA ARG A 282 2.06 16.82 12.67
C ARG A 282 3.52 17.22 12.68
N LEU A 283 3.90 18.12 13.59
CA LEU A 283 5.23 18.73 13.63
C LEU A 283 5.89 18.46 14.96
N PRO A 284 7.21 18.24 14.99
CA PRO A 284 7.91 18.12 16.27
C PRO A 284 7.64 19.34 17.12
N LYS A 285 7.68 19.13 18.44
CA LYS A 285 7.25 20.14 19.42
C LYS A 285 7.84 21.51 19.13
N LYS A 286 9.16 21.62 19.01
CA LYS A 286 9.80 22.92 18.80
C LYS A 286 9.33 23.55 17.49
N VAL A 287 9.16 22.72 16.45
CA VAL A 287 8.72 23.24 15.16
C VAL A 287 7.26 23.66 15.23
N PHE A 288 6.44 22.84 15.89
CA PHE A 288 5.02 23.18 16.06
C PHE A 288 4.84 24.52 16.74
N GLU A 289 5.55 24.76 17.85
CA GLU A 289 5.41 26.02 18.58
C GLU A 289 5.80 27.21 17.70
N ALA A 290 6.89 27.08 16.95
CA ALA A 290 7.31 28.17 16.08
C ALA A 290 6.28 28.41 14.98
N ALA A 291 5.78 27.33 14.37
CA ALA A 291 4.81 27.48 13.29
C ALA A 291 3.52 28.12 13.78
N VAL A 292 3.03 27.70 14.95
CA VAL A 292 1.78 28.27 15.44
C VAL A 292 1.94 29.77 15.72
N LYS A 293 3.06 30.16 16.34
CA LYS A 293 3.31 31.57 16.59
C LYS A 293 3.24 32.37 15.30
N SER A 294 3.89 31.87 14.25
CA SER A 294 3.94 32.62 12.99
C SER A 294 2.59 32.66 12.30
N ILE A 295 1.83 31.56 12.36
CA ILE A 295 0.52 31.50 11.75
C ILE A 295 -0.46 32.42 12.48
N LYS A 296 -0.34 32.47 13.82
CA LYS A 296 -1.13 33.43 14.60
C LYS A 296 -0.86 34.85 14.14
N ALA A 297 0.42 35.21 13.97
CA ALA A 297 0.75 36.57 13.61
C ALA A 297 0.24 36.91 12.22
N ALA A 298 0.34 35.97 11.27
CA ALA A 298 -0.07 36.27 9.89
C ALA A 298 -1.59 36.43 9.78
N SER A 299 -2.34 35.76 10.65
CA SER A 299 -3.80 35.81 10.65
C SER A 299 -4.36 36.77 11.69
N SER A 300 -3.51 37.67 12.22
CA SER A 300 -3.90 38.45 13.39
C SER A 300 -5.05 39.41 13.12
N THR A 301 -5.46 39.59 11.86
CA THR A 301 -6.67 40.37 11.57
C THR A 301 -7.88 39.84 12.31
N GLU A 302 -7.88 38.56 12.66
CA GLU A 302 -8.93 37.97 13.49
C GLU A 302 -8.29 37.21 14.66
N LYS A 303 -8.98 37.18 15.78
CA LYS A 303 -8.47 36.54 17.00
C LYS A 303 -9.29 35.28 17.28
N PHE A 304 -8.60 34.21 17.61
CA PHE A 304 -9.24 32.94 17.90
C PHE A 304 -8.85 32.46 19.29
N PRO A 305 -9.76 31.76 19.99
CA PRO A 305 -9.42 31.26 21.33
C PRO A 305 -8.28 30.27 21.24
N ASP A 306 -7.52 30.19 22.34
CA ASP A 306 -6.36 29.30 22.40
C ASP A 306 -6.72 27.87 22.04
N GLY A 307 -7.94 27.43 22.40
CA GLY A 307 -8.34 26.06 22.11
C GLY A 307 -8.48 25.76 20.63
N PHE A 308 -8.76 26.78 19.82
CA PHE A 308 -8.72 26.60 18.37
C PHE A 308 -7.34 26.13 17.92
N TRP A 309 -6.30 26.81 18.39
CA TRP A 309 -4.95 26.47 17.95
C TRP A 309 -4.50 25.11 18.51
N LEU A 310 -5.13 24.62 19.55
CA LEU A 310 -4.85 23.29 20.06
C LEU A 310 -5.72 22.21 19.41
N GLY A 311 -6.57 22.58 18.47
CA GLY A 311 -7.44 21.61 17.84
C GLY A 311 -8.61 21.17 18.70
N GLU A 312 -8.86 21.85 19.82
CA GLU A 312 -9.88 21.45 20.79
C GLU A 312 -11.22 22.14 20.59
N GLN A 313 -11.27 23.22 19.80
CA GLN A 313 -12.49 23.99 19.57
C GLN A 313 -12.57 24.36 18.10
N LEU A 314 -13.80 24.41 17.57
CA LEU A 314 -14.00 24.84 16.20
C LEU A 314 -14.02 26.37 16.11
N VAL A 315 -13.80 26.88 14.90
CA VAL A 315 -14.07 28.28 14.56
C VAL A 315 -15.07 28.27 13.41
N CYS A 316 -16.03 29.18 13.48
CA CYS A 316 -17.15 29.22 12.55
C CYS A 316 -17.27 30.60 11.94
N TRP A 317 -17.66 30.61 10.67
CA TRP A 317 -18.04 31.83 9.97
C TRP A 317 -19.40 31.60 9.31
N GLN A 318 -20.12 32.70 9.08
CA GLN A 318 -21.33 32.65 8.28
C GLN A 318 -21.07 31.90 6.98
N ALA A 319 -22.06 31.12 6.54
CA ALA A 319 -21.85 30.20 5.42
C ALA A 319 -21.34 30.94 4.18
N GLY A 320 -20.21 30.48 3.65
CA GLY A 320 -19.67 31.04 2.43
C GLY A 320 -18.74 32.23 2.60
N THR A 321 -18.54 32.73 3.82
CA THR A 321 -17.72 33.90 4.07
C THR A 321 -16.43 33.58 4.83
N THR A 322 -15.98 32.32 4.81
CA THR A 322 -14.69 31.99 5.41
C THR A 322 -13.60 32.89 4.83
N PRO A 323 -12.83 33.62 5.65
CA PRO A 323 -11.82 34.59 5.13
C PRO A 323 -10.47 33.93 4.86
N TRP A 324 -10.46 33.05 3.85
CA TRP A 324 -9.26 32.29 3.53
C TRP A 324 -8.04 33.21 3.40
N ASN A 325 -8.24 34.39 2.80
CA ASN A 325 -7.10 35.24 2.46
C ASN A 325 -6.38 35.79 3.69
N ILE A 326 -6.99 35.79 4.87
CA ILE A 326 -6.26 36.32 6.02
C ILE A 326 -5.30 35.28 6.62
N PHE A 327 -5.48 33.94 6.29
CA PHE A 327 -4.58 32.90 6.74
C PHE A 327 -3.44 32.73 5.76
N PRO A 328 -2.28 32.34 6.26
CA PRO A 328 -1.09 32.21 5.42
C PRO A 328 -1.02 30.84 4.73
N VAL A 329 -0.21 30.81 3.66
CA VAL A 329 0.19 29.53 3.09
C VAL A 329 1.36 28.98 3.88
N ILE A 330 1.53 27.66 3.81
CA ILE A 330 2.61 26.95 4.49
C ILE A 330 3.43 26.22 3.43
N SER A 331 4.74 26.45 3.45
CA SER A 331 5.64 25.84 2.48
C SER A 331 6.65 24.96 3.19
N LEU A 332 6.81 23.75 2.67
CA LEU A 332 7.87 22.84 3.06
C LEU A 332 8.83 22.68 1.89
N TYR A 333 10.11 22.88 2.14
CA TYR A 333 11.12 22.63 1.14
C TYR A 333 11.67 21.22 1.36
N LEU A 334 11.72 20.43 0.30
CA LEU A 334 12.15 19.04 0.38
C LEU A 334 13.46 18.88 -0.38
N MET A 335 14.33 17.99 0.11
CA MET A 335 15.58 17.69 -0.59
C MET A 335 15.29 17.23 -2.01
N GLY A 336 16.04 17.75 -2.98
CA GLY A 336 15.90 17.35 -4.36
C GLY A 336 16.73 16.13 -4.70
N GLU A 337 16.57 15.66 -5.94
CA GLU A 337 17.40 14.57 -6.42
C GLU A 337 18.78 15.03 -6.87
N VAL A 338 18.96 16.33 -7.13
CA VAL A 338 20.23 16.88 -7.59
C VAL A 338 20.98 17.46 -6.41
N THR A 339 22.29 17.26 -6.37
CA THR A 339 23.12 17.87 -5.35
C THR A 339 22.79 19.35 -5.21
N ASN A 340 22.59 19.79 -3.97
CA ASN A 340 22.39 21.18 -3.63
C ASN A 340 21.11 21.78 -4.22
N GLN A 341 20.13 20.97 -4.58
CA GLN A 341 18.85 21.47 -5.06
C GLN A 341 17.73 21.03 -4.13
N SER A 342 16.80 21.94 -3.87
CA SER A 342 15.56 21.60 -3.19
C SER A 342 14.38 22.07 -4.03
N PHE A 343 13.19 21.61 -3.66
CA PHE A 343 11.97 22.15 -4.20
C PHE A 343 11.02 22.41 -3.05
N ARG A 344 9.92 23.10 -3.35
CA ARG A 344 9.02 23.64 -2.33
C ARG A 344 7.60 23.23 -2.65
N ILE A 345 6.89 22.64 -1.67
CA ILE A 345 5.46 22.40 -1.77
C ILE A 345 4.74 23.35 -0.82
N THR A 346 3.58 23.85 -1.24
CA THR A 346 2.88 24.92 -0.56
C THR A 346 1.40 24.56 -0.47
N ILE A 347 0.86 24.53 0.75
CA ILE A 347 -0.56 24.27 0.98
C ILE A 347 -1.25 25.55 1.50
N LEU A 348 -2.57 25.53 1.45
CA LEU A 348 -3.44 26.65 1.79
C LEU A 348 -4.18 26.39 3.08
N PRO A 349 -4.82 27.42 3.65
CA PRO A 349 -5.74 27.16 4.76
C PRO A 349 -6.85 26.21 4.38
N GLN A 350 -7.20 26.12 3.08
CA GLN A 350 -8.22 25.15 2.69
C GLN A 350 -7.79 23.72 3.00
N GLN A 351 -6.48 23.46 3.09
CA GLN A 351 -5.96 22.17 3.53
C GLN A 351 -5.86 22.05 5.06
N TYR A 352 -5.36 23.09 5.77
CA TYR A 352 -5.12 22.88 7.19
C TYR A 352 -6.26 23.33 8.09
N LEU A 353 -7.34 23.88 7.53
CA LEU A 353 -8.59 24.11 8.25
C LEU A 353 -9.61 23.07 7.76
N ARG A 354 -9.99 22.13 8.63
CA ARG A 354 -10.81 20.99 8.21
C ARG A 354 -12.27 21.30 8.44
N PRO A 355 -13.12 21.19 7.42
CA PRO A 355 -14.55 21.41 7.64
C PRO A 355 -15.16 20.32 8.52
N VAL A 356 -16.00 20.75 9.45
CA VAL A 356 -16.72 19.85 10.35
C VAL A 356 -18.20 20.13 10.17
N GLU A 357 -18.94 19.16 9.64
CA GLU A 357 -20.32 19.38 9.26
C GLU A 357 -21.27 19.15 10.43
N ASP A 358 -22.39 19.87 10.39
CA ASP A 358 -23.47 19.71 11.35
C ASP A 358 -24.73 20.36 10.83
N VAL A 359 -25.80 19.58 10.64
CA VAL A 359 -27.08 20.07 10.17
C VAL A 359 -27.67 21.10 11.13
N GLN A 363 -26.18 27.03 9.46
CA GLN A 363 -26.02 28.27 8.69
C GLN A 363 -24.60 28.83 8.80
N ASP A 364 -23.70 28.06 9.42
CA ASP A 364 -22.31 28.45 9.59
C ASP A 364 -21.40 27.38 9.01
N ASP A 365 -20.26 27.80 8.46
CA ASP A 365 -19.18 26.89 8.11
C ASP A 365 -18.18 26.88 9.26
N CYS A 366 -17.93 25.70 9.82
CA CYS A 366 -17.05 25.55 10.97
C CYS A 366 -15.89 24.63 10.62
N TYR A 367 -14.74 24.89 11.26
CA TYR A 367 -13.48 24.26 10.89
C TYR A 367 -12.67 23.95 12.14
N LYS A 368 -11.85 22.90 12.04
CA LYS A 368 -10.86 22.55 13.06
C LYS A 368 -9.46 22.79 12.50
N PHE A 369 -8.57 23.31 13.35
CA PHE A 369 -7.17 23.51 12.98
C PHE A 369 -6.44 22.17 12.99
N ALA A 370 -5.81 21.79 11.88
CA ALA A 370 -5.29 20.43 11.75
C ALA A 370 -3.78 20.38 11.60
N ILE A 371 -3.07 21.35 12.17
CA ILE A 371 -1.64 21.27 12.38
C ILE A 371 -1.43 21.02 13.86
N SER A 372 -0.71 19.97 14.23
CA SER A 372 -0.64 19.58 15.63
C SER A 372 0.77 19.10 16.00
N GLN A 373 0.97 18.86 17.29
CA GLN A 373 2.29 18.54 17.84
C GLN A 373 2.55 17.04 17.77
N SER A 374 3.76 16.69 17.33
CA SER A 374 4.17 15.30 17.25
C SER A 374 5.28 15.03 18.24
N SER A 375 5.35 13.78 18.71
CA SER A 375 6.44 13.27 19.52
C SER A 375 7.34 12.31 18.76
N THR A 376 7.01 12.02 17.49
CA THR A 376 7.71 11.02 16.69
C THR A 376 8.10 11.59 15.32
N GLY A 377 8.41 12.89 15.26
CA GLY A 377 8.86 13.50 14.03
C GLY A 377 7.71 14.06 13.21
N THR A 378 8.06 14.62 12.05
CA THR A 378 7.05 15.23 11.21
C THR A 378 6.21 14.16 10.52
N VAL A 379 4.89 14.38 10.47
CA VAL A 379 3.98 13.49 9.74
C VAL A 379 3.26 14.32 8.69
N MET A 380 3.59 14.09 7.42
CA MET A 380 2.91 14.77 6.33
C MET A 380 1.67 13.95 5.99
N GLY A 381 0.56 14.27 6.67
CA GLY A 381 -0.67 13.54 6.54
C GLY A 381 -1.55 14.12 5.47
N ALA A 382 -2.87 13.88 5.58
CA ALA A 382 -3.79 14.35 4.54
C ALA A 382 -3.75 15.87 4.38
N VAL A 383 -3.45 16.60 5.44
CA VAL A 383 -3.35 18.06 5.33
C VAL A 383 -2.28 18.44 4.30
N ILE A 384 -1.21 17.66 4.21
CA ILE A 384 -0.24 17.89 3.14
C ILE A 384 -0.72 17.23 1.85
N MET A 385 -1.09 15.95 1.92
CA MET A 385 -1.30 15.21 0.68
C MET A 385 -2.48 15.73 -0.14
N GLU A 386 -3.47 16.34 0.50
CA GLU A 386 -4.62 16.82 -0.24
C GLU A 386 -4.32 18.02 -1.14
N GLY A 387 -3.15 18.65 -1.02
CA GLY A 387 -2.77 19.64 -2.03
C GLY A 387 -2.17 19.07 -3.31
N PHE A 388 -1.83 17.77 -3.33
CA PHE A 388 -0.88 17.28 -4.30
C PHE A 388 -1.28 15.92 -4.84
N TYR A 389 -0.71 15.64 -6.01
CA TYR A 389 -0.63 14.28 -6.52
C TYR A 389 0.71 13.74 -6.04
N VAL A 390 0.71 12.61 -5.33
CA VAL A 390 1.90 12.12 -4.65
C VAL A 390 2.27 10.77 -5.26
N VAL A 391 3.48 10.66 -5.81
CA VAL A 391 3.96 9.47 -6.48
C VAL A 391 4.92 8.75 -5.55
N PHE A 392 4.55 7.53 -5.14
CA PHE A 392 5.41 6.69 -4.33
C PHE A 392 6.20 5.81 -5.28
N ASP A 393 7.34 6.32 -5.74
CA ASP A 393 8.14 5.66 -6.77
C ASP A 393 9.14 4.75 -6.07
N ARG A 394 8.66 3.58 -5.68
CA ARG A 394 9.50 2.63 -4.97
C ARG A 394 10.64 2.13 -5.85
N ALA A 395 10.41 1.99 -7.16
CA ALA A 395 11.45 1.47 -8.05
C ALA A 395 12.67 2.38 -8.04
N ARG A 396 12.47 3.70 -7.96
CA ARG A 396 13.59 4.64 -8.00
C ARG A 396 13.80 5.32 -6.66
N LYS A 397 13.17 4.84 -5.59
CA LYS A 397 13.45 5.28 -4.22
C LYS A 397 13.24 6.78 -4.07
N ARG A 398 12.06 7.25 -4.46
CA ARG A 398 11.79 8.68 -4.46
C ARG A 398 10.29 8.90 -4.34
N ILE A 399 9.92 10.07 -3.85
CA ILE A 399 8.53 10.50 -3.75
C ILE A 399 8.33 11.78 -4.56
N GLY A 400 7.37 11.75 -5.48
CA GLY A 400 7.09 12.88 -6.35
C GLY A 400 5.86 13.65 -5.87
N PHE A 401 5.94 14.98 -6.02
CA PHE A 401 4.84 15.88 -5.68
C PHE A 401 4.51 16.73 -6.90
N ALA A 402 3.22 16.87 -7.20
CA ALA A 402 2.76 17.84 -8.19
C ALA A 402 1.46 18.44 -7.67
N VAL A 403 1.16 19.65 -8.16
CA VAL A 403 -0.12 20.26 -7.81
C VAL A 403 -1.26 19.36 -8.25
N SER A 404 -2.19 19.10 -7.33
CA SER A 404 -3.30 18.20 -7.59
C SER A 404 -4.40 18.89 -8.38
N ALA A 405 -4.92 18.20 -9.41
CA ALA A 405 -6.00 18.75 -10.21
C ALA A 405 -7.31 18.80 -9.46
N CYS A 406 -7.40 18.20 -8.28
CA CYS A 406 -8.65 18.26 -7.53
C CYS A 406 -8.53 19.02 -6.22
N HIS A 407 -7.37 19.63 -5.91
CA HIS A 407 -7.21 20.20 -4.57
C HIS A 407 -8.15 21.38 -4.39
N VAL A 408 -8.55 21.56 -3.13
CA VAL A 408 -9.47 22.64 -2.75
C VAL A 408 -8.70 23.95 -2.65
N HIS A 409 -9.16 24.98 -3.35
CA HIS A 409 -8.56 26.31 -3.29
C HIS A 409 -9.64 27.33 -3.61
N ASP A 410 -9.26 28.61 -3.74
CA ASP A 410 -10.20 29.66 -4.05
C ASP A 410 -9.78 30.36 -5.35
N GLU A 411 -10.47 31.43 -5.71
CA GLU A 411 -10.18 32.07 -7.00
C GLU A 411 -8.79 32.70 -7.03
N PHE A 412 -8.22 33.04 -5.87
CA PHE A 412 -7.03 33.90 -5.86
C PHE A 412 -5.75 33.19 -5.40
N ARG A 413 -5.82 31.96 -4.91
CA ARG A 413 -4.65 31.24 -4.41
C ARG A 413 -4.81 29.76 -4.71
N THR A 414 -3.70 29.09 -5.03
CA THR A 414 -3.64 27.68 -5.37
C THR A 414 -2.50 27.04 -4.58
N ALA A 415 -2.63 25.75 -4.25
CA ALA A 415 -1.45 24.99 -3.83
C ALA A 415 -0.37 25.08 -4.91
N ALA A 416 0.89 24.81 -4.53
CA ALA A 416 1.98 25.04 -5.49
C ALA A 416 3.11 24.05 -5.26
N VAL A 417 3.82 23.72 -6.35
CA VAL A 417 5.06 22.94 -6.31
C VAL A 417 6.05 23.62 -7.23
N GLU A 418 7.16 24.10 -6.70
N GLU A 418 7.18 24.07 -6.70
CA GLU A 418 8.08 24.94 -7.45
CA GLU A 418 8.09 24.95 -7.43
C GLU A 418 9.52 24.56 -7.13
C GLU A 418 9.53 24.58 -7.12
N GLY A 419 10.40 24.72 -8.11
CA GLY A 419 11.81 24.46 -7.94
C GLY A 419 12.58 24.88 -9.19
N PRO A 420 13.91 24.76 -9.16
CA PRO A 420 14.72 24.33 -8.02
C PRO A 420 15.19 25.51 -7.18
N PHE A 421 15.64 25.22 -5.97
CA PHE A 421 16.19 26.22 -5.08
C PHE A 421 17.57 25.77 -4.64
N VAL A 422 18.55 26.67 -4.71
CA VAL A 422 19.89 26.34 -4.24
C VAL A 422 19.85 26.21 -2.72
N THR A 423 20.14 25.02 -2.23
CA THR A 423 20.21 24.76 -0.79
C THR A 423 21.44 23.91 -0.50
N LEU A 424 22.32 24.42 0.35
CA LEU A 424 23.56 23.74 0.67
C LEU A 424 23.41 22.87 1.91
N ASP A 425 24.26 21.84 1.99
CA ASP A 425 24.38 20.98 3.18
C ASP A 425 23.05 20.35 3.56
N MET A 426 22.29 19.94 2.55
CA MET A 426 20.99 19.35 2.82
C MET A 426 21.11 18.03 3.57
N GLU A 427 22.22 17.32 3.44
CA GLU A 427 22.34 16.05 4.14
C GLU A 427 22.44 16.25 5.64
N ASP A 428 22.85 17.43 6.10
CA ASP A 428 22.91 17.72 7.52
C ASP A 428 21.54 17.92 8.14
N CYS A 429 20.49 18.08 7.34
CA CYS A 429 19.15 18.22 7.88
C CYS A 429 18.59 16.90 8.37
N GLY A 430 19.12 15.78 7.87
CA GLY A 430 18.63 14.48 8.30
C GLY A 430 19.12 14.14 9.69
N TYR A 431 18.24 13.53 10.48
CA TYR A 431 18.61 13.08 11.81
C TYR A 431 19.27 11.71 11.70
N ASN A 432 20.49 11.59 12.20
CA ASN A 432 21.27 10.37 12.04
C ASN A 432 20.50 9.12 12.44
N GLY B 44 -32.23 -14.66 -24.97
CA GLY B 44 -31.32 -14.14 -25.97
C GLY B 44 -31.94 -13.10 -26.88
N SER B 45 -32.60 -12.10 -26.26
CA SER B 45 -33.24 -11.00 -26.96
C SER B 45 -32.72 -9.69 -26.39
N PHE B 46 -32.31 -8.78 -27.27
CA PHE B 46 -31.78 -7.47 -26.89
C PHE B 46 -32.49 -6.37 -27.68
N VAL B 47 -33.82 -6.31 -27.51
CA VAL B 47 -34.65 -5.51 -28.41
C VAL B 47 -34.28 -4.03 -28.35
N GLU B 48 -33.72 -3.57 -27.24
CA GLU B 48 -33.35 -2.17 -27.11
C GLU B 48 -32.15 -1.81 -27.97
N MET B 49 -31.36 -2.78 -28.40
CA MET B 49 -30.22 -2.51 -29.27
C MET B 49 -30.49 -2.88 -30.72
N VAL B 50 -31.61 -3.55 -31.03
CA VAL B 50 -31.88 -3.89 -32.42
C VAL B 50 -32.12 -2.61 -33.21
N ASP B 51 -31.51 -2.53 -34.40
CA ASP B 51 -31.68 -1.41 -35.32
C ASP B 51 -31.08 -0.11 -34.76
N ASN B 52 -29.95 -0.22 -34.05
CA ASN B 52 -29.29 0.95 -33.48
C ASN B 52 -28.18 1.49 -34.39
N LEU B 53 -28.01 0.93 -35.58
CA LEU B 53 -27.01 1.40 -36.54
C LEU B 53 -27.69 2.04 -37.74
N ARG B 54 -27.04 3.06 -38.29
CA ARG B 54 -27.52 3.76 -39.47
C ARG B 54 -26.31 4.15 -40.33
N GLY B 55 -26.59 4.46 -41.59
CA GLY B 55 -25.57 5.05 -42.43
C GLY B 55 -26.14 5.47 -43.77
N LYS B 56 -25.35 6.24 -44.51
CA LYS B 56 -25.63 6.55 -45.89
C LYS B 56 -24.94 5.51 -46.77
N SER B 57 -25.64 5.06 -47.82
CA SER B 57 -25.07 4.06 -48.70
C SER B 57 -23.77 4.56 -49.30
N GLY B 58 -22.76 3.70 -49.33
CA GLY B 58 -21.43 4.06 -49.71
C GLY B 58 -20.56 4.56 -48.57
N GLN B 59 -21.16 4.89 -47.42
CA GLN B 59 -20.47 5.42 -46.24
C GLN B 59 -20.56 4.43 -45.09
N GLY B 60 -20.04 4.83 -43.92
CA GLY B 60 -19.90 3.91 -42.80
C GLY B 60 -21.14 3.82 -41.91
N TYR B 61 -21.23 2.70 -41.16
CA TYR B 61 -22.28 2.50 -40.18
C TYR B 61 -21.91 3.20 -38.88
N TYR B 62 -22.82 4.01 -38.35
CA TYR B 62 -22.59 4.71 -37.09
C TYR B 62 -23.66 4.38 -36.07
N VAL B 63 -23.28 4.54 -34.80
CA VAL B 63 -24.14 4.36 -33.65
C VAL B 63 -24.19 5.67 -32.88
N GLU B 64 -25.29 5.88 -32.16
CA GLU B 64 -25.43 7.07 -31.32
C GLU B 64 -24.76 6.84 -29.97
N MET B 65 -24.02 7.84 -29.50
CA MET B 65 -23.34 7.81 -28.20
C MET B 65 -23.46 9.18 -27.57
N THR B 66 -23.27 9.25 -26.25
CA THR B 66 -23.16 10.53 -25.58
C THR B 66 -21.83 10.60 -24.84
N VAL B 67 -21.27 11.81 -24.75
CA VAL B 67 -20.03 12.07 -24.04
C VAL B 67 -20.23 13.32 -23.20
N GLY B 68 -19.65 13.32 -22.00
CA GLY B 68 -19.69 14.48 -21.14
C GLY B 68 -20.88 14.49 -20.20
N SER B 69 -20.83 15.44 -19.27
CA SER B 69 -21.90 15.68 -18.31
C SER B 69 -22.20 17.18 -18.32
N PRO B 70 -23.40 17.60 -18.75
CA PRO B 70 -24.51 16.77 -19.24
C PRO B 70 -24.16 16.12 -20.58
N PRO B 71 -24.89 15.06 -20.95
CA PRO B 71 -24.49 14.27 -22.13
C PRO B 71 -24.60 15.06 -23.42
N GLN B 72 -23.59 14.90 -24.28
CA GLN B 72 -23.54 15.49 -25.60
C GLN B 72 -23.68 14.37 -26.62
N THR B 73 -24.67 14.47 -27.48
CA THR B 73 -24.95 13.39 -28.43
C THR B 73 -24.10 13.53 -29.69
N LEU B 74 -23.57 12.39 -30.16
CA LEU B 74 -22.82 12.33 -31.40
C LEU B 74 -23.09 11.01 -32.10
N ASN B 75 -22.96 11.01 -33.42
CA ASN B 75 -22.99 9.81 -34.24
C ASN B 75 -21.56 9.33 -34.46
N ILE B 76 -21.31 8.05 -34.20
CA ILE B 76 -19.95 7.52 -34.12
C ILE B 76 -19.82 6.31 -35.02
N LEU B 77 -18.88 6.36 -35.95
CA LEU B 77 -18.66 5.27 -36.90
C LEU B 77 -18.13 4.03 -36.20
N VAL B 78 -18.70 2.87 -36.51
CA VAL B 78 -18.34 1.61 -35.88
C VAL B 78 -17.24 0.94 -36.70
N ASP B 79 -16.05 0.79 -36.11
CA ASP B 79 -14.84 0.40 -36.84
C ASP B 79 -14.12 -0.71 -36.11
N THR B 80 -14.30 -1.96 -36.56
CA THR B 80 -13.54 -3.06 -35.97
C THR B 80 -12.12 -3.17 -36.52
N GLY B 81 -11.68 -2.27 -37.39
CA GLY B 81 -10.33 -2.26 -37.90
C GLY B 81 -9.43 -1.22 -37.29
N SER B 82 -9.84 -0.57 -36.21
CA SER B 82 -8.98 0.35 -35.47
C SER B 82 -9.38 0.30 -33.99
N SER B 83 -8.67 1.09 -33.16
CA SER B 83 -8.75 0.88 -31.72
C SER B 83 -8.80 2.16 -30.89
N ASN B 84 -9.01 3.32 -31.50
CA ASN B 84 -9.17 4.58 -30.77
C ASN B 84 -10.62 5.04 -30.81
N PHE B 85 -11.06 5.63 -29.70
CA PHE B 85 -12.30 6.41 -29.65
C PHE B 85 -11.91 7.88 -29.85
N ALA B 86 -12.26 8.44 -30.99
CA ALA B 86 -11.87 9.80 -31.36
C ALA B 86 -13.07 10.53 -31.94
N VAL B 87 -13.31 11.75 -31.49
CA VAL B 87 -14.48 12.53 -31.88
C VAL B 87 -14.03 13.93 -32.26
N GLY B 88 -14.74 14.52 -33.22
CA GLY B 88 -14.54 15.92 -33.51
C GLY B 88 -14.79 16.77 -32.29
N ALA B 89 -13.89 17.71 -32.02
CA ALA B 89 -14.01 18.56 -30.84
C ALA B 89 -13.70 20.01 -31.19
N ALA B 90 -13.90 20.38 -32.44
CA ALA B 90 -13.71 21.73 -32.93
C ALA B 90 -14.47 21.86 -34.24
N PRO B 91 -14.87 23.07 -34.63
CA PRO B 91 -15.67 23.24 -35.85
C PRO B 91 -14.94 22.72 -37.10
N HIS B 92 -15.75 22.23 -38.04
CA HIS B 92 -15.24 21.68 -39.30
C HIS B 92 -16.39 21.71 -40.29
N PRO B 93 -16.15 22.12 -41.55
CA PRO B 93 -17.25 22.25 -42.52
C PRO B 93 -18.15 21.03 -42.59
N PHE B 94 -17.57 19.83 -42.50
CA PHE B 94 -18.33 18.60 -42.64
C PHE B 94 -18.88 18.10 -41.32
N LEU B 95 -18.79 18.86 -40.25
CA LEU B 95 -19.25 18.42 -38.93
C LEU B 95 -20.56 19.11 -38.59
N HIS B 96 -21.58 18.30 -38.28
CA HIS B 96 -22.87 18.83 -37.84
C HIS B 96 -22.77 19.41 -36.43
N ARG B 97 -22.32 18.58 -35.49
CA ARG B 97 -22.13 18.94 -34.09
C ARG B 97 -20.74 18.45 -33.69
N TYR B 98 -20.30 18.81 -32.48
CA TYR B 98 -19.00 18.34 -32.02
C TYR B 98 -18.89 18.40 -30.51
N TYR B 99 -17.88 17.71 -30.00
CA TYR B 99 -17.58 17.61 -28.58
C TYR B 99 -17.07 18.94 -28.04
N GLN B 100 -17.76 19.52 -27.06
CA GLN B 100 -17.35 20.75 -26.42
C GLN B 100 -16.90 20.44 -25.00
N ARG B 101 -15.58 20.27 -24.82
CA ARG B 101 -15.07 19.81 -23.53
C ARG B 101 -15.37 20.79 -22.41
N GLN B 102 -15.42 22.08 -22.70
CA GLN B 102 -15.64 23.06 -21.65
C GLN B 102 -17.07 23.06 -21.11
N LEU B 103 -17.98 22.31 -21.74
CA LEU B 103 -19.34 22.19 -21.26
C LEU B 103 -19.57 20.93 -20.44
N SER B 104 -18.55 20.10 -20.26
CA SER B 104 -18.68 18.83 -19.54
C SER B 104 -17.97 18.92 -18.20
N SER B 105 -18.73 18.72 -17.11
CA SER B 105 -18.15 18.82 -15.78
C SER B 105 -17.34 17.59 -15.40
N THR B 106 -17.47 16.49 -16.14
CA THR B 106 -16.72 15.28 -15.88
C THR B 106 -15.54 15.13 -16.83
N TYR B 107 -15.27 16.11 -17.67
CA TYR B 107 -14.10 16.07 -18.53
C TYR B 107 -12.81 16.16 -17.72
N ARG B 108 -11.83 15.34 -18.10
CA ARG B 108 -10.51 15.37 -17.47
C ARG B 108 -9.44 15.41 -18.55
N ASP B 109 -8.56 16.41 -18.47
CA ASP B 109 -7.55 16.66 -19.49
C ASP B 109 -6.32 15.79 -19.23
N LEU B 110 -5.95 14.96 -20.21
CA LEU B 110 -4.74 14.14 -20.09
C LEU B 110 -3.48 14.91 -20.48
N ARG B 111 -3.62 16.13 -21.00
CA ARG B 111 -2.49 17.01 -21.31
C ARG B 111 -1.46 16.31 -22.19
N LYS B 112 -1.94 15.75 -23.30
CA LYS B 112 -1.06 15.04 -24.23
C LYS B 112 -1.70 15.03 -25.60
N GLY B 113 -0.93 15.44 -26.63
CA GLY B 113 -1.40 15.43 -27.99
C GLY B 113 -1.20 14.09 -28.67
N VAL B 114 -1.94 13.88 -29.76
CA VAL B 114 -1.82 12.65 -30.53
C VAL B 114 -1.95 13.01 -32.00
N TYR B 115 -1.13 12.39 -32.83
CA TYR B 115 -1.13 12.60 -34.27
C TYR B 115 -1.37 11.24 -34.91
N VAL B 116 -2.42 11.13 -35.72
CA VAL B 116 -2.83 9.87 -36.29
C VAL B 116 -2.94 10.02 -37.80
N PRO B 117 -1.88 9.67 -38.54
CA PRO B 117 -1.98 9.59 -40.01
C PRO B 117 -2.44 8.23 -40.46
N TYR B 118 -3.32 8.21 -41.46
CA TYR B 118 -3.78 6.99 -42.11
C TYR B 118 -3.16 6.90 -43.51
N THR B 119 -3.49 5.82 -44.21
CA THR B 119 -3.13 5.74 -45.62
C THR B 119 -3.77 6.88 -46.40
N GLN B 120 -5.05 7.10 -46.18
CA GLN B 120 -5.75 8.28 -46.67
C GLN B 120 -6.32 9.02 -45.46
N GLY B 121 -6.01 10.31 -45.36
CA GLY B 121 -6.52 11.11 -44.27
C GLY B 121 -5.63 11.05 -43.03
N LYS B 122 -5.82 12.05 -42.16
CA LYS B 122 -5.01 12.20 -40.96
C LYS B 122 -5.71 13.19 -40.03
N TRP B 123 -5.36 13.13 -38.75
CA TRP B 123 -5.88 14.11 -37.79
C TRP B 123 -4.94 14.21 -36.60
N GLU B 124 -5.03 15.35 -35.92
CA GLU B 124 -4.33 15.60 -34.67
C GLU B 124 -5.34 15.86 -33.57
N GLY B 125 -5.01 15.46 -32.36
CA GLY B 125 -5.99 15.53 -31.30
C GLY B 125 -5.38 15.79 -29.95
N GLU B 126 -6.24 15.95 -28.95
CA GLU B 126 -5.84 16.11 -27.57
C GLU B 126 -6.53 15.02 -26.75
N LEU B 127 -5.74 14.27 -25.98
CA LEU B 127 -6.25 13.16 -25.20
C LEU B 127 -6.89 13.65 -23.91
N GLY B 128 -7.97 12.98 -23.51
CA GLY B 128 -8.63 13.23 -22.23
C GLY B 128 -9.53 12.06 -21.92
N THR B 129 -10.27 12.16 -20.82
CA THR B 129 -11.28 11.18 -20.46
C THR B 129 -12.59 11.88 -20.15
N ASP B 130 -13.68 11.13 -20.24
CA ASP B 130 -15.00 11.63 -19.91
C ASP B 130 -15.93 10.43 -19.79
N LEU B 131 -17.15 10.69 -19.32
CA LEU B 131 -18.15 9.64 -19.18
C LEU B 131 -18.86 9.43 -20.51
N VAL B 132 -19.04 8.16 -20.89
CA VAL B 132 -19.57 7.80 -22.19
C VAL B 132 -20.74 6.84 -22.00
N SER B 133 -21.80 7.02 -22.80
CA SER B 133 -22.94 6.13 -22.80
C SER B 133 -23.35 5.83 -24.24
N ILE B 134 -24.09 4.74 -24.39
CA ILE B 134 -24.69 4.35 -25.66
C ILE B 134 -26.20 4.29 -25.46
N PRO B 135 -26.94 5.34 -25.86
CA PRO B 135 -28.37 5.39 -25.54
C PRO B 135 -29.15 4.17 -26.00
N HIS B 136 -28.85 3.64 -27.17
CA HIS B 136 -29.46 2.40 -27.64
C HIS B 136 -28.49 1.23 -27.48
N GLY B 137 -27.84 1.17 -26.32
CA GLY B 137 -26.92 0.11 -26.00
C GLY B 137 -27.19 -0.42 -24.61
N PRO B 138 -26.16 -0.94 -23.95
CA PRO B 138 -26.34 -1.34 -22.56
C PRO B 138 -26.58 -0.13 -21.68
N ASN B 139 -27.40 -0.30 -20.65
CA ASN B 139 -27.77 0.81 -19.76
C ASN B 139 -26.64 1.03 -18.74
N VAL B 140 -25.54 1.57 -19.25
CA VAL B 140 -24.34 1.80 -18.43
C VAL B 140 -23.69 3.12 -18.84
N THR B 141 -22.80 3.59 -17.97
CA THR B 141 -22.00 4.77 -18.26
C THR B 141 -20.59 4.49 -17.77
N VAL B 142 -19.60 4.70 -18.64
CA VAL B 142 -18.23 4.35 -18.32
C VAL B 142 -17.32 5.55 -18.58
N ARG B 143 -16.24 5.62 -17.81
N ARG B 143 -16.26 5.64 -17.80
CA ARG B 143 -15.19 6.61 -18.05
CA ARG B 143 -15.22 6.62 -18.07
C ARG B 143 -14.19 6.01 -19.02
C ARG B 143 -14.23 6.00 -19.05
N ALA B 144 -13.95 6.70 -20.14
CA ALA B 144 -13.17 6.16 -21.24
C ALA B 144 -12.22 7.22 -21.77
N ASN B 145 -11.16 6.76 -22.42
CA ASN B 145 -10.28 7.65 -23.14
C ASN B 145 -11.00 8.20 -24.36
N ILE B 146 -10.80 9.49 -24.63
CA ILE B 146 -11.40 10.16 -25.78
C ILE B 146 -10.32 11.00 -26.43
N ALA B 147 -10.09 10.78 -27.73
CA ALA B 147 -9.22 11.66 -28.52
C ALA B 147 -10.08 12.79 -29.08
N ALA B 148 -9.85 14.01 -28.58
CA ALA B 148 -10.55 15.19 -29.06
C ALA B 148 -9.87 15.70 -30.32
N ILE B 149 -10.50 15.50 -31.46
CA ILE B 149 -9.91 15.87 -32.75
C ILE B 149 -10.04 17.38 -32.93
N THR B 150 -8.90 18.06 -33.03
CA THR B 150 -8.87 19.50 -33.17
C THR B 150 -8.49 19.98 -34.57
N GLU B 151 -7.72 19.19 -35.32
CA GLU B 151 -7.35 19.49 -36.70
C GLU B 151 -7.33 18.20 -37.49
N SER B 152 -7.75 18.25 -38.75
CA SER B 152 -7.81 17.04 -39.56
C SER B 152 -7.71 17.38 -41.03
N ASP B 153 -7.42 16.36 -41.83
CA ASP B 153 -7.33 16.50 -43.29
C ASP B 153 -7.82 15.22 -43.94
N LYS B 154 -8.83 15.34 -44.79
CA LYS B 154 -9.38 14.21 -45.54
C LYS B 154 -9.81 13.07 -44.62
N PHE B 155 -10.30 13.42 -43.43
CA PHE B 155 -10.80 12.43 -42.47
C PHE B 155 -12.32 12.45 -42.40
N PHE B 156 -12.90 13.59 -42.04
CA PHE B 156 -14.35 13.70 -42.04
C PHE B 156 -14.86 13.79 -43.47
N ILE B 157 -16.04 13.21 -43.69
CA ILE B 157 -16.62 13.03 -45.01
C ILE B 157 -17.90 13.84 -45.08
N ASN B 158 -18.01 14.67 -46.12
CA ASN B 158 -19.20 15.49 -46.33
C ASN B 158 -20.43 14.60 -46.51
N GLY B 159 -21.43 14.77 -45.62
CA GLY B 159 -22.68 14.06 -45.75
C GLY B 159 -22.71 12.68 -45.14
N SER B 160 -21.63 12.23 -44.48
CA SER B 160 -21.61 10.91 -43.88
C SER B 160 -22.42 10.83 -42.59
N ASN B 161 -22.64 11.96 -41.93
CA ASN B 161 -23.48 12.09 -40.74
C ASN B 161 -22.87 11.45 -39.50
N TRP B 162 -21.57 11.15 -39.49
CA TRP B 162 -20.89 10.78 -38.26
C TRP B 162 -19.84 11.81 -37.90
N GLU B 163 -19.61 11.98 -36.60
CA GLU B 163 -18.69 12.99 -36.09
C GLU B 163 -17.56 12.40 -35.28
N GLY B 164 -17.48 11.08 -35.18
CA GLY B 164 -16.43 10.42 -34.44
C GLY B 164 -16.33 8.98 -34.87
N ILE B 165 -15.31 8.31 -34.36
CA ILE B 165 -15.00 6.94 -34.72
C ILE B 165 -14.83 6.13 -33.45
N LEU B 166 -15.40 4.92 -33.41
CA LEU B 166 -15.28 4.00 -32.28
C LEU B 166 -14.43 2.83 -32.74
N GLY B 167 -13.15 2.85 -32.37
CA GLY B 167 -12.32 1.70 -32.69
C GLY B 167 -12.58 0.55 -31.74
N LEU B 168 -13.05 -0.58 -32.27
CA LEU B 168 -13.38 -1.74 -31.45
C LEU B 168 -12.33 -2.84 -31.50
N ALA B 169 -11.18 -2.61 -32.16
CA ALA B 169 -10.10 -3.60 -32.15
C ALA B 169 -9.27 -3.42 -30.88
N TYR B 170 -8.12 -4.11 -30.80
CA TYR B 170 -7.44 -4.26 -29.51
C TYR B 170 -6.34 -3.22 -29.30
N ALA B 171 -5.86 -3.17 -28.05
CA ALA B 171 -4.94 -2.11 -27.63
C ALA B 171 -3.65 -2.10 -28.44
N GLU B 172 -3.22 -3.27 -28.94
CA GLU B 172 -1.94 -3.32 -29.65
C GLU B 172 -1.86 -2.28 -30.75
N ILE B 173 -2.97 -2.00 -31.44
CA ILE B 173 -2.95 -1.05 -32.56
C ILE B 173 -3.55 0.30 -32.16
N ALA B 174 -3.65 0.59 -30.87
CA ALA B 174 -4.10 1.91 -30.44
C ALA B 174 -3.00 2.97 -30.65
N ARG B 175 -3.43 4.21 -30.90
CA ARG B 175 -2.51 5.34 -30.99
C ARG B 175 -2.59 6.19 -29.72
N PRO B 176 -1.46 6.72 -29.21
CA PRO B 176 -0.11 6.59 -29.77
C PRO B 176 0.56 5.26 -29.48
N ASP B 177 0.03 4.49 -28.54
CA ASP B 177 0.62 3.21 -28.18
C ASP B 177 -0.42 2.40 -27.41
N ASP B 178 -0.08 1.15 -27.09
CA ASP B 178 -1.06 0.25 -26.49
C ASP B 178 -1.34 0.56 -25.02
N SER B 179 -0.77 1.62 -24.45
CA SER B 179 -1.17 2.01 -23.11
C SER B 179 -2.42 2.89 -23.11
N LEU B 180 -2.93 3.29 -24.27
CA LEU B 180 -4.19 4.03 -24.32
C LEU B 180 -5.31 3.00 -24.46
N GLU B 181 -6.00 2.72 -23.36
CA GLU B 181 -6.95 1.63 -23.34
C GLU B 181 -8.13 1.90 -24.26
N PRO B 182 -8.50 0.96 -25.12
CA PRO B 182 -9.64 1.17 -26.01
C PRO B 182 -10.96 1.19 -25.25
N PHE B 183 -11.99 1.72 -25.93
CA PHE B 183 -13.29 1.90 -25.27
C PHE B 183 -13.86 0.59 -24.79
N PHE B 184 -13.88 -0.44 -25.64
CA PHE B 184 -14.59 -1.66 -25.25
C PHE B 184 -13.92 -2.33 -24.07
N ASP B 185 -12.59 -2.27 -24.00
CA ASP B 185 -11.90 -2.76 -22.82
C ASP B 185 -12.38 -2.05 -21.56
N SER B 186 -12.51 -0.72 -21.60
CA SER B 186 -12.99 0.01 -20.44
C SER B 186 -14.42 -0.35 -20.11
N LEU B 187 -15.26 -0.54 -21.15
CA LEU B 187 -16.66 -0.89 -20.92
C LEU B 187 -16.77 -2.19 -20.13
N VAL B 188 -16.05 -3.22 -20.56
CA VAL B 188 -16.13 -4.52 -19.92
C VAL B 188 -15.58 -4.46 -18.49
N LYS B 189 -14.52 -3.68 -18.26
CA LYS B 189 -13.91 -3.68 -16.93
C LYS B 189 -14.77 -2.92 -15.93
N GLN B 190 -15.50 -1.90 -16.37
CA GLN B 190 -16.24 -1.06 -15.43
C GLN B 190 -17.66 -1.53 -15.18
N THR B 191 -18.16 -2.47 -15.98
CA THR B 191 -19.54 -2.91 -15.92
C THR B 191 -19.59 -4.43 -15.94
N HIS B 192 -20.80 -4.96 -15.91
CA HIS B 192 -21.00 -6.40 -16.04
C HIS B 192 -21.23 -6.84 -17.48
N VAL B 193 -21.02 -5.95 -18.45
CA VAL B 193 -21.29 -6.32 -19.85
C VAL B 193 -20.36 -7.44 -20.28
N PRO B 194 -20.87 -8.57 -20.78
CA PRO B 194 -19.98 -9.65 -21.25
C PRO B 194 -19.02 -9.15 -22.32
N ASN B 195 -17.87 -9.82 -22.42
CA ASN B 195 -16.79 -9.39 -23.30
C ASN B 195 -17.05 -9.88 -24.73
N LEU B 196 -18.08 -9.31 -25.34
CA LEU B 196 -18.54 -9.78 -26.63
C LEU B 196 -19.46 -8.73 -27.23
N PHE B 197 -19.39 -8.56 -28.55
CA PHE B 197 -20.38 -7.77 -29.27
C PHE B 197 -20.62 -8.44 -30.61
N SER B 198 -21.76 -8.13 -31.21
CA SER B 198 -22.10 -8.69 -32.50
C SER B 198 -22.66 -7.59 -33.42
N LEU B 199 -22.52 -7.81 -34.73
CA LEU B 199 -22.83 -6.78 -35.72
C LEU B 199 -23.65 -7.42 -36.83
N GLN B 200 -24.83 -6.85 -37.09
CA GLN B 200 -25.62 -7.17 -38.29
C GLN B 200 -25.65 -5.90 -39.15
N LEU B 201 -24.83 -5.88 -40.20
CA LEU B 201 -24.80 -4.77 -41.16
C LEU B 201 -25.68 -5.13 -42.36
N CYS B 202 -26.74 -4.34 -42.60
CA CYS B 202 -27.70 -4.68 -43.64
C CYS B 202 -27.48 -3.94 -44.95
N GLY B 203 -27.87 -2.67 -45.02
CA GLY B 203 -27.80 -1.96 -46.28
C GLY B 203 -28.66 -2.49 -47.42
N ALA B 204 -28.79 -1.70 -48.48
CA ALA B 204 -29.63 -2.07 -49.61
C ALA B 204 -28.78 -2.59 -50.76
N SER B 216 -30.99 4.80 -47.34
CA SER B 216 -30.46 4.81 -45.98
C SER B 216 -30.27 3.37 -45.47
N VAL B 217 -29.05 3.03 -45.07
CA VAL B 217 -28.73 1.69 -44.58
C VAL B 217 -28.90 1.63 -43.07
N GLY B 218 -29.04 0.42 -42.54
CA GLY B 218 -29.19 0.21 -41.12
C GLY B 218 -28.54 -1.07 -40.66
N GLY B 219 -28.72 -1.37 -39.37
CA GLY B 219 -28.16 -2.57 -38.79
C GLY B 219 -28.22 -2.53 -37.28
N SER B 220 -27.56 -3.51 -36.67
CA SER B 220 -27.59 -3.70 -35.22
C SER B 220 -26.19 -3.95 -34.68
N MET B 221 -25.86 -3.27 -33.59
CA MET B 221 -24.72 -3.63 -32.77
C MET B 221 -25.26 -4.07 -31.42
N ILE B 222 -25.21 -5.37 -31.16
CA ILE B 222 -25.63 -5.93 -29.88
C ILE B 222 -24.39 -6.00 -28.99
N ILE B 223 -24.35 -5.13 -27.98
CA ILE B 223 -23.23 -5.05 -27.05
C ILE B 223 -23.45 -6.09 -25.95
N GLY B 224 -22.52 -7.01 -25.80
CA GLY B 224 -22.60 -7.96 -24.71
C GLY B 224 -23.45 -9.20 -24.97
N GLY B 225 -23.84 -9.46 -26.21
CA GLY B 225 -24.71 -10.62 -26.38
C GLY B 225 -24.97 -10.93 -27.84
N ILE B 226 -25.81 -11.94 -28.03
CA ILE B 226 -26.24 -12.43 -29.34
C ILE B 226 -27.75 -12.40 -29.37
N ASP B 227 -28.32 -11.77 -30.40
CA ASP B 227 -29.76 -11.71 -30.55
C ASP B 227 -30.18 -12.72 -31.61
N HIS B 228 -30.88 -13.78 -31.20
CA HIS B 228 -31.15 -14.89 -32.09
C HIS B 228 -32.12 -14.54 -33.21
N SER B 229 -32.78 -13.40 -33.14
CA SER B 229 -33.66 -12.97 -34.23
C SER B 229 -32.89 -12.41 -35.43
N LEU B 230 -31.58 -12.22 -35.32
CA LEU B 230 -30.83 -11.54 -36.37
C LEU B 230 -30.17 -12.51 -37.34
N TYR B 231 -30.39 -13.81 -37.19
CA TYR B 231 -29.74 -14.77 -38.06
C TYR B 231 -30.62 -15.99 -38.20
N THR B 232 -30.31 -16.80 -39.22
CA THR B 232 -30.93 -18.09 -39.44
C THR B 232 -29.82 -19.14 -39.51
N GLY B 233 -30.18 -20.41 -39.30
CA GLY B 233 -29.15 -21.42 -39.39
C GLY B 233 -28.21 -21.35 -38.19
N SER B 234 -27.05 -22.00 -38.33
CA SER B 234 -26.12 -22.10 -37.21
C SER B 234 -25.01 -21.07 -37.32
N LEU B 235 -24.49 -20.69 -36.16
CA LEU B 235 -23.27 -19.88 -36.05
C LEU B 235 -22.05 -20.79 -36.12
N TRP B 236 -21.14 -20.47 -37.02
CA TRP B 236 -19.85 -21.14 -37.13
C TRP B 236 -18.75 -20.19 -36.69
N TYR B 237 -17.81 -20.67 -35.86
CA TYR B 237 -16.78 -19.82 -35.27
C TYR B 237 -15.41 -20.12 -35.85
N THR B 238 -14.64 -19.06 -36.11
CA THR B 238 -13.27 -19.16 -36.54
C THR B 238 -12.39 -18.51 -35.46
N PRO B 239 -11.18 -19.03 -35.22
CA PRO B 239 -10.36 -18.48 -34.14
C PRO B 239 -9.88 -17.08 -34.47
N ILE B 240 -9.82 -16.22 -33.45
CA ILE B 240 -9.07 -14.98 -33.56
C ILE B 240 -7.59 -15.37 -33.44
N ARG B 241 -6.85 -15.24 -34.55
CA ARG B 241 -5.48 -15.73 -34.57
C ARG B 241 -4.60 -15.00 -33.55
N ARG B 242 -4.77 -13.69 -33.46
CA ARG B 242 -4.02 -12.88 -32.53
C ARG B 242 -4.85 -11.63 -32.28
N GLU B 243 -4.72 -11.08 -31.07
CA GLU B 243 -5.57 -9.97 -30.65
C GLU B 243 -4.88 -8.64 -30.96
N TRP B 244 -5.07 -8.17 -32.18
CA TRP B 244 -4.64 -6.81 -32.51
C TRP B 244 -5.70 -6.21 -33.42
N TYR B 245 -5.62 -6.46 -34.72
CA TYR B 245 -6.84 -6.50 -35.51
C TYR B 245 -7.62 -7.76 -35.14
N TYR B 246 -8.83 -7.88 -35.68
CA TYR B 246 -9.55 -9.16 -35.61
C TYR B 246 -9.03 -10.03 -36.74
N GLU B 247 -7.88 -10.66 -36.49
CA GLU B 247 -7.21 -11.46 -37.52
C GLU B 247 -7.76 -12.87 -37.55
N VAL B 248 -7.98 -13.39 -38.77
CA VAL B 248 -8.48 -14.74 -39.00
C VAL B 248 -7.60 -15.40 -40.06
N ILE B 249 -7.92 -16.66 -40.37
CA ILE B 249 -7.15 -17.44 -41.34
C ILE B 249 -8.11 -18.04 -42.36
N ILE B 250 -7.93 -17.65 -43.62
CA ILE B 250 -8.70 -18.20 -44.75
C ILE B 250 -7.92 -19.39 -45.31
N VAL B 251 -8.59 -20.53 -45.47
CA VAL B 251 -7.89 -21.74 -45.88
C VAL B 251 -8.26 -22.21 -47.28
N ARG B 252 -9.27 -21.62 -47.91
CA ARG B 252 -9.63 -22.01 -49.28
C ARG B 252 -10.57 -20.93 -49.81
N VAL B 253 -10.50 -20.69 -51.12
CA VAL B 253 -11.37 -19.72 -51.79
C VAL B 253 -11.96 -20.37 -53.03
N GLU B 254 -13.26 -20.19 -53.22
CA GLU B 254 -13.98 -20.66 -54.41
C GLU B 254 -14.74 -19.53 -55.06
N ILE B 255 -14.85 -19.58 -56.38
CA ILE B 255 -15.71 -18.70 -57.18
C ILE B 255 -16.70 -19.61 -57.88
N ASN B 256 -17.98 -19.52 -57.50
CA ASN B 256 -18.99 -20.47 -57.99
C ASN B 256 -18.51 -21.90 -57.86
N GLY B 257 -17.96 -22.24 -56.68
CA GLY B 257 -17.51 -23.60 -56.43
C GLY B 257 -16.18 -23.99 -57.03
N GLN B 258 -15.65 -23.20 -57.96
CA GLN B 258 -14.34 -23.49 -58.57
C GLN B 258 -13.23 -23.01 -57.66
N ASP B 259 -12.32 -23.92 -57.29
CA ASP B 259 -11.21 -23.62 -56.38
C ASP B 259 -10.24 -22.64 -57.03
N LEU B 260 -9.88 -21.59 -56.31
CA LEU B 260 -8.86 -20.66 -56.81
C LEU B 260 -7.50 -21.35 -56.88
N LYS B 261 -7.29 -22.39 -56.07
CA LYS B 261 -6.15 -23.30 -56.20
C LYS B 261 -4.81 -22.59 -55.99
N MET B 262 -4.76 -21.68 -55.04
CA MET B 262 -3.52 -21.07 -54.61
C MET B 262 -3.05 -21.69 -53.29
N ASP B 263 -1.74 -21.60 -53.07
CA ASP B 263 -1.18 -21.82 -51.75
C ASP B 263 -1.97 -20.97 -50.76
N CYS B 264 -2.56 -21.63 -49.75
CA CYS B 264 -3.47 -20.90 -48.87
C CYS B 264 -2.76 -19.82 -48.06
N LYS B 265 -1.43 -19.85 -47.96
CA LYS B 265 -0.70 -18.75 -47.35
C LYS B 265 -0.93 -17.44 -48.09
N GLU B 266 -1.14 -17.51 -49.42
CA GLU B 266 -1.38 -16.31 -50.22
C GLU B 266 -2.67 -15.59 -49.80
N TYR B 267 -3.67 -16.35 -49.36
CA TYR B 267 -4.93 -15.75 -48.91
C TYR B 267 -4.76 -14.90 -47.67
N ASN B 268 -3.70 -15.13 -46.89
CA ASN B 268 -3.49 -14.44 -45.63
C ASN B 268 -2.16 -13.68 -45.62
N TYR B 269 -1.70 -13.25 -46.80
CA TYR B 269 -0.45 -12.52 -46.92
C TYR B 269 -0.77 -11.02 -46.98
N ASP B 270 -0.38 -10.28 -45.94
CA ASP B 270 0.35 -10.79 -44.78
C ASP B 270 -0.55 -10.97 -43.54
N LYS B 271 -1.85 -10.73 -43.69
CA LYS B 271 -2.83 -11.02 -42.66
C LYS B 271 -4.20 -11.01 -43.32
N SER B 272 -5.20 -11.54 -42.60
CA SER B 272 -6.60 -11.39 -42.98
C SER B 272 -7.35 -10.85 -41.78
N ILE B 273 -8.13 -9.78 -41.98
CA ILE B 273 -8.87 -9.16 -40.89
C ILE B 273 -10.34 -8.94 -41.24
N VAL B 274 -11.17 -8.93 -40.21
CA VAL B 274 -12.59 -8.61 -40.32
C VAL B 274 -12.75 -7.14 -39.93
N ASP B 275 -13.25 -6.31 -40.86
CA ASP B 275 -13.18 -4.85 -40.73
C ASP B 275 -14.49 -4.17 -41.13
N SER B 276 -15.30 -3.79 -40.13
CA SER B 276 -16.51 -3.03 -40.43
C SER B 276 -16.23 -1.63 -40.97
N GLY B 277 -14.98 -1.14 -40.86
CA GLY B 277 -14.66 0.20 -41.33
C GLY B 277 -14.13 0.28 -42.73
N THR B 278 -14.28 -0.79 -43.53
CA THR B 278 -13.89 -0.85 -44.92
C THR B 278 -15.08 -1.37 -45.73
N THR B 279 -15.38 -0.72 -46.86
CA THR B 279 -16.43 -1.22 -47.75
C THR B 279 -16.02 -2.54 -48.39
N ASN B 280 -14.88 -2.54 -49.07
CA ASN B 280 -14.61 -3.59 -50.03
C ASN B 280 -14.21 -4.89 -49.36
N LEU B 281 -14.30 -5.97 -50.15
CA LEU B 281 -13.46 -7.14 -49.96
C LEU B 281 -12.13 -6.83 -50.63
N ARG B 282 -11.10 -6.58 -49.86
CA ARG B 282 -9.78 -6.32 -50.41
C ARG B 282 -8.94 -7.58 -50.28
N LEU B 283 -8.22 -7.91 -51.34
CA LEU B 283 -7.50 -9.17 -51.47
C LEU B 283 -6.06 -8.89 -51.86
N PRO B 284 -5.11 -9.65 -51.34
CA PRO B 284 -3.71 -9.46 -51.75
C PRO B 284 -3.57 -9.60 -53.26
N LYS B 285 -2.54 -8.92 -53.80
CA LYS B 285 -2.40 -8.73 -55.25
C LYS B 285 -2.58 -10.03 -56.03
N LYS B 286 -1.84 -11.08 -55.67
CA LYS B 286 -1.92 -12.34 -56.41
C LYS B 286 -3.33 -12.93 -56.36
N VAL B 287 -3.98 -12.87 -55.20
CA VAL B 287 -5.31 -13.43 -55.04
C VAL B 287 -6.34 -12.61 -55.80
N PHE B 288 -6.22 -11.27 -55.74
CA PHE B 288 -7.13 -10.41 -56.48
C PHE B 288 -7.07 -10.71 -57.97
N GLU B 289 -5.87 -10.81 -58.52
CA GLU B 289 -5.74 -11.14 -59.94
C GLU B 289 -6.40 -12.47 -60.27
N ALA B 290 -6.18 -13.48 -59.42
CA ALA B 290 -6.79 -14.78 -59.68
C ALA B 290 -8.30 -14.71 -59.55
N ALA B 291 -8.80 -13.97 -58.54
CA ALA B 291 -10.24 -13.87 -58.34
C ALA B 291 -10.92 -13.09 -59.47
N VAL B 292 -10.33 -11.97 -59.92
CA VAL B 292 -10.97 -11.19 -60.97
C VAL B 292 -11.01 -11.99 -62.27
N LYS B 293 -9.90 -12.66 -62.61
CA LYS B 293 -9.90 -13.53 -63.78
C LYS B 293 -11.06 -14.51 -63.71
N SER B 294 -11.23 -15.17 -62.57
CA SER B 294 -12.28 -16.18 -62.45
C SER B 294 -13.67 -15.55 -62.49
N ILE B 295 -13.84 -14.41 -61.81
CA ILE B 295 -15.13 -13.72 -61.85
C ILE B 295 -15.47 -13.28 -63.27
N LYS B 296 -14.46 -12.81 -63.99
CA LYS B 296 -14.66 -12.45 -65.40
C LYS B 296 -15.17 -13.63 -66.22
N ALA B 297 -14.51 -14.79 -66.08
CA ALA B 297 -14.91 -15.96 -66.85
C ALA B 297 -16.33 -16.37 -66.53
N ALA B 298 -16.71 -16.34 -65.24
CA ALA B 298 -18.04 -16.81 -64.83
C ALA B 298 -19.14 -15.90 -65.32
N SER B 299 -18.89 -14.59 -65.42
CA SER B 299 -19.87 -13.60 -65.85
C SER B 299 -19.78 -13.31 -67.35
N SER B 300 -19.06 -14.15 -68.08
CA SER B 300 -18.64 -13.82 -69.45
C SER B 300 -19.78 -13.66 -70.43
N THR B 301 -21.05 -13.94 -70.09
CA THR B 301 -22.08 -13.67 -71.09
C THR B 301 -22.33 -12.18 -71.30
N GLU B 302 -21.83 -11.32 -70.41
CA GLU B 302 -21.80 -9.88 -70.64
C GLU B 302 -20.38 -9.39 -70.43
N LYS B 303 -19.91 -8.53 -71.31
CA LYS B 303 -18.56 -8.00 -71.24
C LYS B 303 -18.58 -6.60 -70.63
N PHE B 304 -17.60 -6.33 -69.78
CA PHE B 304 -17.51 -5.06 -69.08
C PHE B 304 -16.14 -4.44 -69.29
N PRO B 305 -16.06 -3.11 -69.33
CA PRO B 305 -14.77 -2.44 -69.51
C PRO B 305 -13.79 -2.73 -68.38
N ASP B 306 -12.50 -2.66 -68.72
CA ASP B 306 -11.45 -2.85 -67.72
C ASP B 306 -11.63 -1.92 -66.53
N GLY B 307 -12.12 -0.70 -66.76
CA GLY B 307 -12.33 0.23 -65.66
C GLY B 307 -13.31 -0.29 -64.63
N PHE B 308 -14.34 -1.01 -65.07
CA PHE B 308 -15.29 -1.58 -64.13
C PHE B 308 -14.60 -2.50 -63.14
N TRP B 309 -13.75 -3.41 -63.64
CA TRP B 309 -13.11 -4.37 -62.76
C TRP B 309 -12.09 -3.71 -61.84
N LEU B 310 -11.61 -2.52 -62.16
CA LEU B 310 -10.72 -1.77 -61.28
C LEU B 310 -11.49 -0.92 -60.29
N GLY B 311 -12.82 -0.99 -60.29
CA GLY B 311 -13.62 -0.12 -59.45
C GLY B 311 -13.63 1.34 -59.86
N GLU B 312 -13.23 1.66 -61.09
CA GLU B 312 -13.12 3.05 -61.52
C GLU B 312 -14.32 3.52 -62.35
N GLN B 313 -15.17 2.60 -62.82
CA GLN B 313 -16.32 2.95 -63.65
C GLN B 313 -17.53 2.15 -63.20
N LEU B 314 -18.70 2.74 -63.35
CA LEU B 314 -19.95 2.07 -63.00
C LEU B 314 -20.46 1.25 -64.17
N VAL B 315 -21.26 0.23 -63.84
CA VAL B 315 -22.06 -0.47 -64.83
C VAL B 315 -23.52 -0.30 -64.45
N CYS B 316 -24.38 -0.13 -65.45
CA CYS B 316 -25.78 0.18 -65.26
C CYS B 316 -26.66 -0.74 -66.09
N TRP B 317 -27.85 -0.99 -65.56
CA TRP B 317 -28.90 -1.74 -66.23
C TRP B 317 -30.21 -1.02 -66.03
N GLN B 318 -31.14 -1.20 -66.97
CA GLN B 318 -32.46 -0.62 -66.80
C GLN B 318 -33.06 -1.11 -65.48
N ALA B 319 -33.78 -0.22 -64.80
CA ALA B 319 -34.21 -0.44 -63.42
C ALA B 319 -34.88 -1.80 -63.25
N GLY B 320 -34.37 -2.58 -62.30
CA GLY B 320 -34.93 -3.86 -61.97
C GLY B 320 -34.45 -5.02 -62.80
N THR B 321 -33.60 -4.78 -63.81
CA THR B 321 -33.15 -5.83 -64.70
C THR B 321 -31.72 -6.26 -64.41
N THR B 322 -31.18 -5.95 -63.24
CA THR B 322 -29.82 -6.36 -62.94
C THR B 322 -29.71 -7.88 -63.06
N PRO B 323 -28.79 -8.40 -63.88
CA PRO B 323 -28.67 -9.86 -64.10
C PRO B 323 -27.83 -10.54 -63.03
N TRP B 324 -28.32 -10.51 -61.78
CA TRP B 324 -27.58 -11.11 -60.67
C TRP B 324 -27.07 -12.51 -61.02
N ASN B 325 -27.92 -13.32 -61.66
CA ASN B 325 -27.62 -14.73 -61.86
C ASN B 325 -26.44 -14.98 -62.79
N ILE B 326 -26.05 -14.03 -63.63
CA ILE B 326 -24.85 -14.24 -64.43
C ILE B 326 -23.57 -14.01 -63.61
N PHE B 327 -23.67 -13.29 -62.40
CA PHE B 327 -22.45 -13.18 -61.61
C PHE B 327 -22.33 -14.34 -60.62
N PRO B 328 -21.12 -14.75 -60.26
CA PRO B 328 -20.91 -15.90 -59.38
C PRO B 328 -20.98 -15.52 -57.91
N VAL B 329 -21.18 -16.56 -57.09
CA VAL B 329 -20.97 -16.39 -55.66
C VAL B 329 -19.49 -16.54 -55.34
N ILE B 330 -19.10 -15.99 -54.19
CA ILE B 330 -17.73 -16.06 -53.71
C ILE B 330 -17.76 -16.70 -52.33
N SER B 331 -16.94 -17.73 -52.14
CA SER B 331 -16.89 -18.45 -50.87
C SER B 331 -15.50 -18.38 -50.28
N LEU B 332 -15.43 -18.08 -48.99
CA LEU B 332 -14.21 -18.11 -48.19
C LEU B 332 -14.36 -19.21 -47.16
N TYR B 333 -13.40 -20.13 -47.12
CA TYR B 333 -13.38 -21.14 -46.07
C TYR B 333 -12.49 -20.60 -44.97
N LEU B 334 -12.97 -20.71 -43.72
CA LEU B 334 -12.23 -20.21 -42.56
C LEU B 334 -11.86 -21.37 -41.65
N MET B 335 -10.70 -21.26 -41.02
CA MET B 335 -10.30 -22.24 -40.01
C MET B 335 -11.39 -22.38 -38.95
N GLY B 336 -11.78 -23.63 -38.65
CA GLY B 336 -12.76 -23.89 -37.62
C GLY B 336 -12.12 -23.94 -36.23
N GLU B 337 -12.96 -24.14 -35.22
CA GLU B 337 -12.43 -24.33 -33.88
C GLU B 337 -11.94 -25.76 -33.64
N VAL B 338 -12.38 -26.73 -34.45
CA VAL B 338 -12.04 -28.14 -34.28
C VAL B 338 -10.85 -28.47 -35.15
N THR B 339 -9.92 -29.26 -34.63
CA THR B 339 -8.76 -29.66 -35.41
C THR B 339 -9.19 -30.20 -36.77
N ASN B 340 -8.48 -29.78 -37.81
CA ASN B 340 -8.71 -30.23 -39.19
C ASN B 340 -10.12 -29.96 -39.70
N GLN B 341 -10.86 -29.00 -39.13
CA GLN B 341 -12.17 -28.62 -39.64
C GLN B 341 -12.17 -27.18 -40.10
N SER B 342 -12.86 -26.92 -41.22
CA SER B 342 -13.14 -25.56 -41.66
C SER B 342 -14.64 -25.42 -41.90
N PHE B 343 -15.04 -24.18 -42.15
CA PHE B 343 -16.39 -23.89 -42.62
C PHE B 343 -16.30 -22.83 -43.70
N ARG B 344 -17.41 -22.64 -44.40
CA ARG B 344 -17.49 -21.85 -45.63
C ARG B 344 -18.51 -20.75 -45.47
N ILE B 345 -18.14 -19.51 -45.82
CA ILE B 345 -19.10 -18.41 -45.92
C ILE B 345 -19.15 -17.98 -47.39
N THR B 346 -20.36 -17.72 -47.88
CA THR B 346 -20.61 -17.46 -49.28
C THR B 346 -21.42 -16.18 -49.42
N ILE B 347 -20.93 -15.24 -50.23
CA ILE B 347 -21.65 -14.01 -50.52
C ILE B 347 -22.04 -14.00 -52.00
N LEU B 348 -22.94 -13.10 -52.32
CA LEU B 348 -23.57 -12.95 -53.63
C LEU B 348 -23.07 -11.70 -54.34
N PRO B 349 -23.34 -11.60 -55.64
CA PRO B 349 -23.13 -10.30 -56.30
C PRO B 349 -23.90 -9.17 -55.66
N GLN B 350 -24.99 -9.45 -54.95
CA GLN B 350 -25.69 -8.37 -54.27
C GLN B 350 -24.83 -7.74 -53.19
N GLN B 351 -23.80 -8.45 -52.72
CA GLN B 351 -22.87 -7.86 -51.76
C GLN B 351 -21.70 -7.16 -52.43
N TYR B 352 -21.12 -7.72 -53.50
CA TYR B 352 -19.91 -7.12 -54.05
C TYR B 352 -20.16 -6.19 -55.25
N LEU B 353 -21.40 -6.05 -55.70
CA LEU B 353 -21.82 -4.99 -56.63
C LEU B 353 -22.57 -3.92 -55.82
N ARG B 354 -21.92 -2.79 -55.55
CA ARG B 354 -22.49 -1.77 -54.66
C ARG B 354 -23.39 -0.83 -55.44
N PRO B 355 -24.63 -0.60 -55.01
CA PRO B 355 -25.47 0.37 -55.70
C PRO B 355 -24.97 1.79 -55.48
N VAL B 356 -25.12 2.61 -56.51
CA VAL B 356 -24.66 4.00 -56.48
C VAL B 356 -25.78 4.94 -56.89
N ASP B 364 -32.06 4.04 -64.27
CA ASP B 364 -31.08 2.96 -64.37
C ASP B 364 -30.45 2.61 -63.02
N ASP B 365 -30.34 1.31 -62.75
CA ASP B 365 -29.66 0.81 -61.56
C ASP B 365 -28.18 0.65 -61.87
N CYS B 366 -27.32 1.38 -61.13
CA CYS B 366 -25.90 1.44 -61.41
C CYS B 366 -25.10 0.97 -60.21
N TYR B 367 -23.94 0.34 -60.48
CA TYR B 367 -23.19 -0.39 -59.47
C TYR B 367 -21.69 -0.22 -59.66
N LYS B 368 -20.97 -0.25 -58.53
CA LYS B 368 -19.51 -0.34 -58.46
C LYS B 368 -19.08 -1.74 -58.06
N PHE B 369 -18.06 -2.26 -58.74
CA PHE B 369 -17.40 -3.49 -58.34
C PHE B 369 -16.55 -3.22 -57.09
N ALA B 370 -16.79 -3.98 -56.01
CA ALA B 370 -16.19 -3.66 -54.72
C ALA B 370 -15.30 -4.78 -54.18
N ILE B 371 -14.63 -5.48 -55.08
CA ILE B 371 -13.51 -6.34 -54.74
C ILE B 371 -12.27 -5.66 -55.29
N SER B 372 -11.29 -5.38 -54.45
CA SER B 372 -10.15 -4.60 -54.88
C SER B 372 -8.86 -5.19 -54.34
N GLN B 373 -7.76 -4.63 -54.82
CA GLN B 373 -6.42 -5.13 -54.52
C GLN B 373 -5.89 -4.49 -53.25
N SER B 374 -5.07 -5.26 -52.53
CA SER B 374 -4.49 -4.83 -51.27
C SER B 374 -3.02 -5.20 -51.24
N SER B 375 -2.23 -4.38 -50.54
CA SER B 375 -0.83 -4.69 -50.29
C SER B 375 -0.58 -4.94 -48.81
N THR B 376 -1.64 -5.00 -48.01
CA THR B 376 -1.53 -5.16 -46.57
C THR B 376 -2.45 -6.28 -46.07
N GLY B 377 -2.72 -7.27 -46.93
CA GLY B 377 -3.50 -8.44 -46.53
C GLY B 377 -4.95 -8.35 -46.96
N THR B 378 -5.66 -9.45 -46.69
CA THR B 378 -7.09 -9.50 -46.96
C THR B 378 -7.84 -8.61 -45.98
N VAL B 379 -8.83 -7.88 -46.48
CA VAL B 379 -9.74 -7.13 -45.61
C VAL B 379 -11.15 -7.62 -45.90
N MET B 380 -11.74 -8.33 -44.93
CA MET B 380 -13.13 -8.76 -45.04
C MET B 380 -13.99 -7.60 -44.57
N GLY B 381 -14.28 -6.69 -45.49
CA GLY B 381 -15.04 -5.49 -45.19
C GLY B 381 -16.54 -5.72 -45.23
N ALA B 382 -17.26 -4.63 -45.43
CA ALA B 382 -18.72 -4.70 -45.50
C ALA B 382 -19.21 -5.62 -46.62
N VAL B 383 -18.45 -5.77 -47.70
CA VAL B 383 -18.86 -6.70 -48.75
C VAL B 383 -19.04 -8.09 -48.16
N ILE B 384 -18.16 -8.49 -47.24
CA ILE B 384 -18.33 -9.76 -46.54
C ILE B 384 -19.39 -9.63 -45.45
N MET B 385 -19.23 -8.65 -44.56
CA MET B 385 -20.03 -8.59 -43.35
C MET B 385 -21.51 -8.41 -43.64
N GLU B 386 -21.86 -7.76 -44.74
CA GLU B 386 -23.28 -7.52 -45.01
C GLU B 386 -24.04 -8.79 -45.36
N GLY B 387 -23.37 -9.92 -45.58
CA GLY B 387 -24.07 -11.17 -45.73
C GLY B 387 -24.41 -11.89 -44.45
N PHE B 388 -23.86 -11.45 -43.31
CA PHE B 388 -23.79 -12.29 -42.13
C PHE B 388 -24.07 -11.50 -40.87
N TYR B 389 -24.54 -12.22 -39.86
CA TYR B 389 -24.46 -11.79 -38.47
C TYR B 389 -23.09 -12.22 -37.94
N VAL B 390 -22.31 -11.27 -37.47
CA VAL B 390 -20.91 -11.51 -37.14
C VAL B 390 -20.75 -11.28 -35.65
N VAL B 391 -20.26 -12.30 -34.95
CA VAL B 391 -20.14 -12.27 -33.48
C VAL B 391 -18.66 -12.13 -33.17
N PHE B 392 -18.29 -11.00 -32.57
CA PHE B 392 -16.91 -10.79 -32.11
C PHE B 392 -16.83 -11.25 -30.66
N ASP B 393 -16.57 -12.55 -30.50
CA ASP B 393 -16.58 -13.20 -29.19
C ASP B 393 -15.19 -13.08 -28.59
N ARG B 394 -14.92 -11.90 -28.02
CA ARG B 394 -13.60 -11.64 -27.47
C ARG B 394 -13.31 -12.55 -26.30
N ALA B 395 -14.34 -12.88 -25.51
CA ALA B 395 -14.15 -13.71 -24.33
C ALA B 395 -13.53 -15.05 -24.71
N ARG B 396 -13.98 -15.64 -25.81
CA ARG B 396 -13.48 -16.94 -26.25
C ARG B 396 -12.57 -16.85 -27.48
N LYS B 397 -12.07 -15.66 -27.79
CA LYS B 397 -11.05 -15.47 -28.83
C LYS B 397 -11.49 -16.09 -30.17
N ARG B 398 -12.71 -15.76 -30.59
CA ARG B 398 -13.24 -16.36 -31.80
C ARG B 398 -14.24 -15.41 -32.43
N ILE B 399 -14.50 -15.62 -33.73
CA ILE B 399 -15.44 -14.79 -34.49
C ILE B 399 -16.47 -15.72 -35.14
N GLY B 400 -17.74 -15.45 -34.86
CA GLY B 400 -18.84 -16.26 -35.36
C GLY B 400 -19.54 -15.63 -36.55
N PHE B 401 -19.97 -16.48 -37.47
CA PHE B 401 -20.68 -16.10 -38.68
C PHE B 401 -21.97 -16.91 -38.79
N ALA B 402 -23.07 -16.23 -39.10
CA ALA B 402 -24.30 -16.92 -39.47
C ALA B 402 -24.98 -16.12 -40.58
N VAL B 403 -25.84 -16.79 -41.36
CA VAL B 403 -26.58 -16.07 -42.40
C VAL B 403 -27.41 -14.97 -41.77
N SER B 404 -27.28 -13.76 -42.30
CA SER B 404 -27.97 -12.61 -41.73
C SER B 404 -29.44 -12.59 -42.13
N ALA B 405 -30.30 -12.27 -41.15
CA ALA B 405 -31.72 -12.17 -41.45
C ALA B 405 -32.06 -11.00 -42.37
N CYS B 406 -31.16 -10.03 -42.54
CA CYS B 406 -31.45 -8.87 -43.38
C CYS B 406 -30.62 -8.79 -44.65
N HIS B 407 -29.82 -9.80 -44.98
CA HIS B 407 -28.91 -9.63 -46.10
C HIS B 407 -29.68 -9.55 -47.41
N VAL B 408 -29.10 -8.81 -48.36
CA VAL B 408 -29.75 -8.59 -49.65
C VAL B 408 -29.52 -9.80 -50.53
N HIS B 409 -30.59 -10.35 -51.08
CA HIS B 409 -30.48 -11.48 -51.99
C HIS B 409 -31.66 -11.43 -52.94
N ASP B 410 -31.77 -12.46 -53.78
CA ASP B 410 -32.90 -12.57 -54.69
C ASP B 410 -33.67 -13.85 -54.37
N GLU B 411 -34.64 -14.17 -55.21
CA GLU B 411 -35.51 -15.32 -54.98
C GLU B 411 -34.77 -16.64 -55.09
N PHE B 412 -33.63 -16.67 -55.79
CA PHE B 412 -33.01 -17.92 -56.21
C PHE B 412 -31.69 -18.24 -55.54
N ARG B 413 -31.03 -17.24 -54.94
CA ARG B 413 -29.78 -17.44 -54.23
C ARG B 413 -29.81 -16.65 -52.95
N THR B 414 -29.15 -17.19 -51.92
CA THR B 414 -29.00 -16.56 -50.62
C THR B 414 -27.54 -16.68 -50.18
N ALA B 415 -27.09 -15.79 -49.30
CA ALA B 415 -25.79 -16.01 -48.67
C ALA B 415 -25.86 -17.28 -47.82
N ALA B 416 -24.69 -17.81 -47.46
CA ALA B 416 -24.66 -19.13 -46.83
C ALA B 416 -23.48 -19.26 -45.88
N VAL B 417 -23.70 -20.02 -44.81
CA VAL B 417 -22.65 -20.44 -43.89
C VAL B 417 -22.84 -21.95 -43.70
N GLU B 418 -21.84 -22.73 -44.09
N GLU B 418 -21.87 -22.74 -44.14
CA GLU B 418 -21.97 -24.18 -44.16
CA GLU B 418 -21.99 -24.20 -44.14
C GLU B 418 -20.70 -24.84 -43.63
C GLU B 418 -20.72 -24.80 -43.57
N GLY B 419 -20.87 -25.99 -42.99
CA GLY B 419 -19.75 -26.72 -42.44
C GLY B 419 -20.23 -28.04 -41.85
N PRO B 420 -19.31 -28.90 -41.43
CA PRO B 420 -17.87 -28.69 -41.46
C PRO B 420 -17.22 -29.28 -42.70
N PHE B 421 -16.00 -28.88 -43.01
CA PHE B 421 -15.25 -29.49 -44.10
C PHE B 421 -13.91 -29.99 -43.56
N VAL B 422 -13.48 -31.15 -44.06
CA VAL B 422 -12.19 -31.68 -43.66
C VAL B 422 -11.11 -30.90 -44.37
N THR B 423 -10.24 -30.25 -43.60
CA THR B 423 -9.13 -29.47 -44.15
C THR B 423 -7.91 -29.72 -43.29
N LEU B 424 -6.82 -30.13 -43.91
CA LEU B 424 -5.61 -30.47 -43.18
C LEU B 424 -4.61 -29.32 -43.23
N ASP B 425 -3.72 -29.29 -42.25
CA ASP B 425 -2.58 -28.37 -42.24
C ASP B 425 -3.01 -26.90 -42.36
N MET B 426 -4.10 -26.54 -41.68
CA MET B 426 -4.63 -25.19 -41.77
C MET B 426 -3.70 -24.15 -41.14
N GLU B 427 -2.90 -24.56 -40.15
CA GLU B 427 -1.95 -23.63 -39.55
C GLU B 427 -0.93 -23.14 -40.56
N ASP B 428 -0.63 -23.96 -41.58
CA ASP B 428 0.27 -23.56 -42.65
C ASP B 428 -0.28 -22.44 -43.51
N CYS B 429 -1.58 -22.14 -43.43
CA CYS B 429 -2.16 -21.05 -44.18
C CYS B 429 -1.89 -19.69 -43.56
N GLY B 430 -1.45 -19.65 -42.30
CA GLY B 430 -1.08 -18.39 -41.68
C GLY B 430 0.26 -17.90 -42.15
N TYR B 431 0.39 -16.58 -42.24
CA TYR B 431 1.63 -15.95 -42.67
C TYR B 431 2.38 -15.40 -41.47
N ASN B 432 3.70 -15.53 -41.50
CA ASN B 432 4.57 -14.95 -40.50
C ASN B 432 5.86 -14.44 -41.13
N GLY C 41 3.48 -10.08 56.36
CA GLY C 41 4.53 -9.08 56.53
C GLY C 41 5.55 -9.04 55.41
N THR C 42 5.89 -7.83 54.93
CA THR C 42 6.84 -7.71 53.83
C THR C 42 8.22 -7.26 54.28
N THR C 43 8.38 -6.74 55.49
CA THR C 43 9.68 -6.31 56.01
C THR C 43 10.25 -7.39 56.93
N GLY C 44 11.57 -7.54 56.93
CA GLY C 44 12.19 -8.44 57.90
C GLY C 44 13.55 -8.96 57.43
N SER C 45 13.85 -10.19 57.85
CA SER C 45 15.10 -10.86 57.56
C SER C 45 14.78 -12.16 56.84
N PHE C 46 15.06 -12.21 55.54
CA PHE C 46 14.70 -13.37 54.73
C PHE C 46 15.96 -14.20 54.44
N VAL C 47 16.49 -14.83 55.50
CA VAL C 47 17.83 -15.40 55.42
C VAL C 47 17.93 -16.49 54.38
N GLU C 48 16.83 -17.20 54.12
N GLU C 48 16.83 -17.20 54.10
CA GLU C 48 16.85 -18.28 53.14
CA GLU C 48 16.90 -18.28 53.14
C GLU C 48 17.03 -17.76 51.72
C GLU C 48 16.93 -17.79 51.69
N MET C 49 16.65 -16.51 51.46
CA MET C 49 16.63 -15.96 50.12
C MET C 49 17.81 -15.06 49.82
N VAL C 50 18.55 -14.63 50.86
CA VAL C 50 19.75 -13.83 50.64
C VAL C 50 20.76 -14.62 49.83
N ASP C 51 21.39 -13.95 48.86
CA ASP C 51 22.44 -14.56 48.05
C ASP C 51 21.92 -15.71 47.18
N ASN C 52 20.64 -15.68 46.79
CA ASN C 52 20.11 -16.75 45.93
C ASN C 52 20.30 -16.48 44.44
N LEU C 53 21.02 -15.42 44.04
CA LEU C 53 21.33 -15.18 42.63
C LEU C 53 22.83 -15.30 42.37
N ARG C 54 23.17 -15.80 41.18
CA ARG C 54 24.55 -15.92 40.74
C ARG C 54 24.64 -15.56 39.27
N GLY C 55 25.83 -15.17 38.84
CA GLY C 55 26.09 -15.05 37.43
C GLY C 55 27.56 -15.06 37.14
N LYS C 56 27.89 -15.32 35.89
CA LYS C 56 29.24 -15.10 35.42
C LYS C 56 29.38 -13.62 35.10
N SER C 57 30.50 -13.02 35.52
CA SER C 57 30.70 -11.59 35.30
C SER C 57 30.50 -11.26 33.84
N GLY C 58 29.69 -10.23 33.57
CA GLY C 58 29.31 -9.87 32.23
C GLY C 58 28.07 -10.56 31.70
N GLN C 59 27.55 -11.58 32.39
CA GLN C 59 26.35 -12.29 31.98
C GLN C 59 25.24 -12.06 33.01
N GLY C 60 24.06 -12.61 32.73
CA GLY C 60 22.90 -12.31 33.54
C GLY C 60 22.89 -13.02 34.89
N TYR C 61 22.02 -12.55 35.78
CA TYR C 61 21.83 -13.14 37.10
C TYR C 61 20.78 -14.22 37.00
N TYR C 62 21.06 -15.40 37.56
CA TYR C 62 20.09 -16.49 37.55
C TYR C 62 19.79 -16.97 38.97
N VAL C 63 18.58 -17.54 39.12
CA VAL C 63 18.12 -18.18 40.35
C VAL C 63 17.81 -19.63 40.04
N GLU C 64 18.05 -20.50 41.01
CA GLU C 64 17.70 -21.91 40.87
C GLU C 64 16.20 -22.08 41.01
N MET C 65 15.59 -22.83 40.08
CA MET C 65 14.17 -23.16 40.12
C MET C 65 13.98 -24.66 39.87
N THR C 66 12.82 -25.18 40.27
CA THR C 66 12.43 -26.56 39.93
C THR C 66 11.13 -26.54 39.14
N VAL C 67 11.05 -27.40 38.13
CA VAL C 67 9.85 -27.57 37.32
C VAL C 67 9.43 -29.03 37.35
N GLY C 68 8.13 -29.27 37.55
CA GLY C 68 7.56 -30.59 37.35
C GLY C 68 7.53 -31.46 38.59
N SER C 69 6.96 -32.65 38.38
CA SER C 69 6.89 -33.68 39.42
C SER C 69 7.37 -34.99 38.82
N PRO C 70 8.53 -35.52 39.23
CA PRO C 70 9.45 -35.01 40.26
C PRO C 70 10.15 -33.70 39.85
N PRO C 71 10.68 -32.95 40.81
CA PRO C 71 11.23 -31.62 40.50
C PRO C 71 12.50 -31.70 39.67
N GLN C 72 12.50 -30.99 38.53
CA GLN C 72 13.67 -30.86 37.68
C GLN C 72 14.26 -29.49 37.95
N THR C 73 15.54 -29.44 38.33
CA THR C 73 16.12 -28.18 38.76
C THR C 73 16.85 -27.51 37.59
N LEU C 74 16.61 -26.21 37.44
CA LEU C 74 17.24 -25.44 36.37
C LEU C 74 17.64 -24.08 36.92
N ASN C 75 18.57 -23.45 36.22
CA ASN C 75 18.97 -22.08 36.49
C ASN C 75 18.23 -21.17 35.52
N ILE C 76 17.53 -20.17 36.06
CA ILE C 76 16.64 -19.33 35.28
C ILE C 76 17.11 -17.88 35.39
N LEU C 77 17.29 -17.23 34.24
CA LEU C 77 17.63 -15.81 34.22
C LEU C 77 16.47 -14.97 34.75
N VAL C 78 16.77 -14.11 35.72
CA VAL C 78 15.76 -13.21 36.29
C VAL C 78 15.66 -11.96 35.42
N ASP C 79 14.50 -11.74 34.81
CA ASP C 79 14.35 -10.68 33.80
C ASP C 79 13.12 -9.83 34.08
N THR C 80 13.31 -8.62 34.64
CA THR C 80 12.15 -7.75 34.85
C THR C 80 11.71 -7.02 33.59
N GLY C 81 12.36 -7.27 32.44
CA GLY C 81 12.01 -6.61 31.19
C GLY C 81 11.22 -7.48 30.23
N SER C 82 10.60 -8.55 30.75
CA SER C 82 9.76 -9.43 29.95
C SER C 82 8.82 -10.18 30.89
N SER C 83 7.90 -10.97 30.31
CA SER C 83 6.80 -11.50 31.09
C SER C 83 6.50 -12.97 30.85
N ASN C 84 7.35 -13.70 30.14
CA ASN C 84 7.15 -15.12 29.93
C ASN C 84 8.12 -15.91 30.78
N PHE C 85 7.64 -17.01 31.35
CA PHE C 85 8.50 -18.03 31.94
C PHE C 85 8.71 -19.08 30.84
N ALA C 86 9.91 -19.10 30.28
CA ALA C 86 10.27 -19.98 29.18
C ALA C 86 11.54 -20.72 29.53
N VAL C 87 11.57 -22.01 29.26
CA VAL C 87 12.72 -22.83 29.60
C VAL C 87 13.11 -23.67 28.40
N GLY C 88 14.41 -23.90 28.26
CA GLY C 88 14.90 -24.83 27.27
C GLY C 88 14.28 -26.19 27.47
N ALA C 89 13.61 -26.71 26.44
CA ALA C 89 12.88 -27.97 26.56
C ALA C 89 13.41 -29.04 25.62
N ALA C 90 14.47 -28.74 24.86
CA ALA C 90 15.06 -29.66 23.89
C ALA C 90 16.56 -29.47 23.93
N PRO C 91 17.33 -30.50 23.57
CA PRO C 91 18.79 -30.37 23.62
C PRO C 91 19.29 -29.20 22.79
N HIS C 92 20.44 -28.65 23.20
CA HIS C 92 21.03 -27.49 22.54
C HIS C 92 22.49 -27.44 22.94
N PRO C 93 23.39 -27.04 22.05
CA PRO C 93 24.83 -27.09 22.38
C PRO C 93 25.23 -26.21 23.55
N PHE C 94 24.39 -25.26 23.97
CA PHE C 94 24.72 -24.40 25.10
C PHE C 94 23.96 -24.77 26.37
N LEU C 95 23.27 -25.92 26.38
CA LEU C 95 22.45 -26.33 27.51
C LEU C 95 22.99 -27.65 28.06
N HIS C 96 23.37 -27.65 29.33
CA HIS C 96 23.77 -28.88 30.01
C HIS C 96 22.59 -29.63 30.62
N ARG C 97 21.39 -29.07 30.54
CA ARG C 97 20.18 -29.73 30.98
C ARG C 97 19.00 -28.92 30.46
N TYR C 98 17.84 -29.57 30.37
CA TYR C 98 16.64 -28.92 29.86
C TYR C 98 15.40 -29.58 30.48
N TYR C 99 14.25 -28.93 30.26
CA TYR C 99 12.97 -29.44 30.73
C TYR C 99 12.52 -30.61 29.86
N GLN C 100 12.08 -31.68 30.50
CA GLN C 100 11.57 -32.86 29.79
C GLN C 100 10.13 -33.10 30.26
N ARG C 101 9.18 -32.60 29.46
CA ARG C 101 7.78 -32.62 29.87
C ARG C 101 7.28 -34.03 30.12
N GLN C 102 7.78 -35.00 29.34
CA GLN C 102 7.32 -36.38 29.42
C GLN C 102 7.72 -37.04 30.74
N LEU C 103 8.71 -36.50 31.45
CA LEU C 103 9.12 -37.07 32.72
C LEU C 103 8.41 -36.44 33.91
N SER C 104 7.47 -35.53 33.68
CA SER C 104 6.78 -34.82 34.76
C SER C 104 5.30 -35.21 34.77
N SER C 105 4.87 -35.84 35.86
CA SER C 105 3.50 -36.33 35.95
C SER C 105 2.47 -35.22 36.15
N THR C 106 2.90 -33.99 36.47
CA THR C 106 1.98 -32.89 36.65
C THR C 106 1.95 -31.93 35.47
N TYR C 107 2.53 -32.34 34.34
CA TYR C 107 2.49 -31.56 33.11
C TYR C 107 1.10 -31.62 32.46
N ARG C 108 0.60 -30.46 32.03
N ARG C 108 0.59 -30.46 32.06
CA ARG C 108 -0.64 -30.36 31.30
CA ARG C 108 -0.64 -30.36 31.30
C ARG C 108 -0.38 -29.58 30.02
C ARG C 108 -0.35 -29.59 30.02
N ASP C 109 -0.66 -30.20 28.87
CA ASP C 109 -0.39 -29.58 27.58
C ASP C 109 -1.52 -28.63 27.20
N LEU C 110 -1.15 -27.39 26.85
CA LEU C 110 -2.14 -26.41 26.43
C LEU C 110 -2.43 -26.44 24.93
N ARG C 111 -1.67 -27.22 24.15
CA ARG C 111 -1.93 -27.41 22.73
C ARG C 111 -1.94 -26.08 21.98
N LYS C 112 -1.03 -25.18 22.36
CA LYS C 112 -0.95 -23.88 21.72
C LYS C 112 0.52 -23.50 21.62
N GLY C 113 0.91 -22.96 20.47
CA GLY C 113 2.27 -22.53 20.24
C GLY C 113 2.48 -21.06 20.56
N VAL C 114 3.74 -20.67 20.68
CA VAL C 114 4.09 -19.30 21.01
C VAL C 114 5.36 -18.92 20.26
N TYR C 115 5.40 -17.69 19.75
CA TYR C 115 6.49 -17.17 18.96
C TYR C 115 6.94 -15.85 19.54
N VAL C 116 8.24 -15.74 19.84
CA VAL C 116 8.77 -14.52 20.44
C VAL C 116 10.03 -14.09 19.68
N PRO C 117 9.92 -13.17 18.72
CA PRO C 117 11.13 -12.61 18.11
C PRO C 117 11.67 -11.43 18.92
N TYR C 118 13.00 -11.34 18.98
CA TYR C 118 13.70 -10.22 19.61
C TYR C 118 14.43 -9.40 18.55
N THR C 119 14.98 -8.27 19.00
CA THR C 119 15.79 -7.45 18.10
C THR C 119 17.03 -8.21 17.63
N GLN C 120 17.60 -9.04 18.49
CA GLN C 120 18.65 -10.00 18.10
C GLN C 120 18.34 -11.30 18.82
N GLY C 121 17.94 -12.31 18.05
CA GLY C 121 17.58 -13.60 18.60
C GLY C 121 16.07 -13.82 18.58
N LYS C 122 15.70 -15.09 18.76
CA LYS C 122 14.29 -15.46 18.78
C LYS C 122 14.17 -16.89 19.30
N TRP C 123 12.95 -17.26 19.69
CA TRP C 123 12.63 -18.64 20.00
C TRP C 123 11.14 -18.88 19.77
N GLU C 124 10.80 -20.15 19.61
CA GLU C 124 9.42 -20.60 19.43
C GLU C 124 9.21 -21.82 20.32
N GLY C 125 8.04 -21.92 20.92
CA GLY C 125 7.83 -22.97 21.90
C GLY C 125 6.42 -23.51 21.94
N GLU C 126 6.13 -24.31 22.98
CA GLU C 126 4.83 -24.93 23.16
C GLU C 126 4.34 -24.68 24.58
N LEU C 127 3.16 -24.09 24.70
CA LEU C 127 2.62 -23.68 25.99
C LEU C 127 2.04 -24.85 26.77
N GLY C 128 2.14 -24.76 28.08
CA GLY C 128 1.58 -25.73 29.01
C GLY C 128 1.71 -25.21 30.43
N THR C 129 1.30 -26.03 31.38
CA THR C 129 1.42 -25.71 32.80
C THR C 129 2.09 -26.86 33.53
N ASP C 130 2.81 -26.53 34.60
CA ASP C 130 3.43 -27.50 35.47
C ASP C 130 3.67 -26.87 36.82
N LEU C 131 4.07 -27.70 37.79
CA LEU C 131 4.33 -27.22 39.15
C LEU C 131 5.74 -26.65 39.22
N VAL C 132 5.88 -25.51 39.88
CA VAL C 132 7.13 -24.75 39.88
C VAL C 132 7.47 -24.37 41.31
N SER C 133 8.76 -24.44 41.64
CA SER C 133 9.23 -24.03 42.96
C SER C 133 10.54 -23.25 42.83
N ILE C 134 10.87 -22.53 43.89
CA ILE C 134 12.15 -21.85 44.03
C ILE C 134 12.81 -22.34 45.30
N PRO C 135 13.79 -23.25 45.19
CA PRO C 135 14.35 -23.87 46.41
C PRO C 135 14.88 -22.85 47.42
N HIS C 136 15.59 -21.82 46.98
CA HIS C 136 16.02 -20.76 47.89
C HIS C 136 15.10 -19.56 47.78
N GLY C 137 13.80 -19.83 47.84
CA GLY C 137 12.79 -18.81 47.77
C GLY C 137 11.79 -19.05 48.87
N PRO C 138 10.53 -18.71 48.64
CA PRO C 138 9.49 -19.04 49.61
C PRO C 138 9.10 -20.50 49.48
N ASN C 139 8.75 -21.09 50.61
CA ASN C 139 8.46 -22.53 50.65
C ASN C 139 7.04 -22.76 50.15
N VAL C 140 6.87 -22.61 48.83
CA VAL C 140 5.59 -22.84 48.16
C VAL C 140 5.81 -23.49 46.81
N THR C 141 4.73 -24.02 46.25
CA THR C 141 4.73 -24.59 44.91
C THR C 141 3.47 -24.13 44.20
N VAL C 142 3.61 -23.66 42.97
CA VAL C 142 2.47 -23.17 42.20
C VAL C 142 2.42 -23.88 40.86
N ARG C 143 1.26 -23.83 40.22
CA ARG C 143 1.10 -24.27 38.85
C ARG C 143 1.09 -23.03 37.96
N ALA C 144 2.05 -22.94 37.05
CA ALA C 144 2.21 -21.75 36.23
C ALA C 144 2.46 -22.13 34.78
N ASN C 145 2.19 -21.18 33.89
CA ASN C 145 2.43 -21.41 32.48
C ASN C 145 3.92 -21.58 32.23
N ILE C 146 4.26 -22.54 31.37
CA ILE C 146 5.65 -22.80 31.02
C ILE C 146 5.77 -22.85 29.50
N ALA C 147 6.60 -21.98 28.93
CA ALA C 147 6.91 -22.01 27.51
C ALA C 147 8.05 -23.01 27.30
N ALA C 148 7.71 -24.20 26.85
CA ALA C 148 8.69 -25.23 26.52
C ALA C 148 9.39 -24.83 25.24
N ILE C 149 10.57 -24.21 25.36
CA ILE C 149 11.31 -23.68 24.22
C ILE C 149 11.83 -24.87 23.40
N THR C 150 11.29 -25.03 22.20
CA THR C 150 11.66 -26.14 21.33
C THR C 150 12.60 -25.73 20.21
N GLU C 151 12.57 -24.47 19.79
CA GLU C 151 13.45 -23.95 18.75
C GLU C 151 13.90 -22.55 19.14
N SER C 152 15.18 -22.28 18.94
CA SER C 152 15.74 -20.98 19.31
C SER C 152 16.88 -20.63 18.37
N ASP C 153 17.21 -19.34 18.33
CA ASP C 153 18.30 -18.85 17.50
C ASP C 153 18.97 -17.70 18.22
N LYS C 154 20.27 -17.85 18.52
CA LYS C 154 21.05 -16.84 19.22
C LYS C 154 20.36 -16.36 20.50
N PHE C 155 19.75 -17.31 21.22
CA PHE C 155 19.06 -17.03 22.46
C PHE C 155 19.84 -17.54 23.66
N PHE C 156 20.11 -18.85 23.72
CA PHE C 156 20.98 -19.36 24.75
C PHE C 156 22.43 -18.96 24.48
N ILE C 157 23.16 -18.70 25.56
CA ILE C 157 24.49 -18.11 25.49
C ILE C 157 25.48 -19.11 26.08
N ASN C 158 26.61 -19.28 25.39
CA ASN C 158 27.61 -20.27 25.79
C ASN C 158 28.24 -19.88 27.13
N GLY C 159 28.18 -20.78 28.10
CA GLY C 159 28.79 -20.54 29.39
C GLY C 159 28.05 -19.58 30.30
N SER C 160 26.80 -19.23 29.95
CA SER C 160 26.03 -18.33 30.80
C SER C 160 25.51 -19.02 32.05
N ASN C 161 25.38 -20.35 32.02
CA ASN C 161 24.94 -21.21 33.12
C ASN C 161 23.45 -21.06 33.43
N TRP C 162 22.66 -20.43 32.55
CA TRP C 162 21.22 -20.41 32.71
C TRP C 162 20.56 -21.11 31.53
N GLU C 163 19.43 -21.78 31.81
CA GLU C 163 18.75 -22.60 30.81
C GLU C 163 17.33 -22.11 30.55
N GLY C 164 16.97 -20.95 31.09
CA GLY C 164 15.64 -20.43 30.87
C GLY C 164 15.56 -19.03 31.43
N ILE C 165 14.41 -18.41 31.23
CA ILE C 165 14.21 -17.01 31.60
C ILE C 165 12.90 -16.90 32.38
N LEU C 166 12.94 -16.09 33.43
CA LEU C 166 11.78 -15.80 34.27
C LEU C 166 11.39 -14.35 34.02
N GLY C 167 10.41 -14.15 33.15
CA GLY C 167 9.87 -12.82 32.92
C GLY C 167 9.00 -12.38 34.08
N LEU C 168 9.43 -11.35 34.80
CA LEU C 168 8.73 -10.91 36.00
C LEU C 168 7.82 -9.72 35.74
N ALA C 169 7.79 -9.20 34.51
CA ALA C 169 6.92 -8.08 34.15
C ALA C 169 5.49 -8.57 33.90
N TYR C 170 4.61 -7.67 33.47
CA TYR C 170 3.17 -7.96 33.51
C TYR C 170 2.65 -8.57 32.20
N ALA C 171 1.40 -9.04 32.26
CA ALA C 171 0.81 -9.79 31.17
C ALA C 171 0.71 -8.98 29.88
N GLU C 172 0.58 -7.66 29.98
CA GLU C 172 0.33 -6.85 28.79
C GLU C 172 1.40 -7.07 27.71
N ILE C 173 2.62 -7.41 28.10
CA ILE C 173 3.69 -7.69 27.13
C ILE C 173 4.01 -9.19 27.07
N ALA C 174 3.18 -10.04 27.68
CA ALA C 174 3.37 -11.47 27.54
C ALA C 174 3.12 -11.92 26.10
N ARG C 175 3.70 -13.07 25.75
CA ARG C 175 3.49 -13.69 24.45
C ARG C 175 2.80 -15.04 24.62
N PRO C 176 1.83 -15.39 23.74
CA PRO C 176 1.43 -14.65 22.54
C PRO C 176 0.62 -13.39 22.81
N ASP C 177 -0.13 -13.37 23.93
CA ASP C 177 -0.96 -12.23 24.26
C ASP C 177 -1.11 -12.16 25.77
N ASP C 178 -1.79 -11.10 26.23
CA ASP C 178 -1.93 -10.83 27.65
C ASP C 178 -2.80 -11.85 28.37
N SER C 179 -3.44 -12.77 27.65
CA SER C 179 -4.22 -13.80 28.34
C SER C 179 -3.35 -14.88 28.96
N LEU C 180 -2.05 -14.91 28.65
CA LEU C 180 -1.15 -15.90 29.25
C LEU C 180 -0.60 -15.33 30.55
N GLU C 181 -1.02 -15.90 31.66
CA GLU C 181 -0.66 -15.40 32.99
C GLU C 181 0.83 -15.56 33.26
N PRO C 182 1.55 -14.48 33.60
CA PRO C 182 2.96 -14.63 33.99
C PRO C 182 3.11 -15.34 35.34
N PHE C 183 4.35 -15.70 35.63
CA PHE C 183 4.65 -16.55 36.79
C PHE C 183 4.31 -15.84 38.10
N PHE C 184 4.75 -14.58 38.25
CA PHE C 184 4.50 -13.93 39.53
C PHE C 184 3.01 -13.76 39.80
N ASP C 185 2.22 -13.56 38.74
CA ASP C 185 0.77 -13.47 38.90
C ASP C 185 0.20 -14.79 39.43
N SER C 186 0.72 -15.92 38.92
CA SER C 186 0.27 -17.23 39.39
C SER C 186 0.65 -17.47 40.85
N LEU C 187 1.88 -17.10 41.20
CA LEU C 187 2.36 -17.26 42.57
C LEU C 187 1.46 -16.51 43.55
N VAL C 188 1.18 -15.24 43.27
CA VAL C 188 0.36 -14.44 44.19
C VAL C 188 -1.05 -15.02 44.31
N LYS C 189 -1.65 -15.39 43.17
CA LYS C 189 -3.04 -15.85 43.20
C LYS C 189 -3.17 -17.19 43.92
N GLN C 190 -2.15 -18.04 43.84
CA GLN C 190 -2.25 -19.38 44.40
C GLN C 190 -1.72 -19.49 45.83
N THR C 191 -0.94 -18.51 46.31
CA THR C 191 -0.40 -18.61 47.66
C THR C 191 -0.68 -17.36 48.47
N HIS C 192 -0.11 -17.29 49.68
CA HIS C 192 -0.17 -16.09 50.50
C HIS C 192 1.04 -15.18 50.31
N VAL C 193 1.90 -15.48 49.34
CA VAL C 193 3.08 -14.64 49.09
C VAL C 193 2.61 -13.22 48.73
N PRO C 194 3.04 -12.21 49.48
CA PRO C 194 2.71 -10.83 49.10
C PRO C 194 3.09 -10.49 47.66
N ASN C 195 2.28 -9.65 47.03
CA ASN C 195 2.48 -9.23 45.63
C ASN C 195 3.59 -8.18 45.54
N LEU C 196 4.81 -8.63 45.78
CA LEU C 196 5.98 -7.76 45.80
C LEU C 196 7.22 -8.63 45.77
N PHE C 197 8.24 -8.20 45.03
CA PHE C 197 9.56 -8.81 45.12
C PHE C 197 10.62 -7.70 45.08
N SER C 198 11.81 -8.00 45.57
CA SER C 198 12.89 -7.03 45.57
C SER C 198 14.17 -7.68 45.07
N LEU C 199 15.06 -6.85 44.52
CA LEU C 199 16.30 -7.31 43.92
C LEU C 199 17.48 -6.50 44.43
N GLN C 200 18.52 -7.20 44.90
CA GLN C 200 19.80 -6.60 45.22
C GLN C 200 20.82 -7.25 44.31
N LEU C 201 21.20 -6.56 43.23
CA LEU C 201 22.20 -7.05 42.28
C LEU C 201 23.56 -6.46 42.66
N CYS C 202 24.51 -7.33 43.02
CA CYS C 202 25.75 -6.84 43.60
C CYS C 202 26.91 -6.77 42.61
N GLY C 203 26.84 -7.47 41.49
CA GLY C 203 27.98 -7.40 40.59
C GLY C 203 29.13 -8.17 41.18
N ALA C 204 30.35 -7.65 41.00
CA ALA C 204 31.53 -8.34 41.54
C ALA C 204 31.76 -7.97 43.00
N SER C 216 32.69 -13.92 39.03
CA SER C 216 31.36 -14.35 39.47
C SER C 216 30.65 -13.26 40.25
N VAL C 217 29.38 -13.04 39.92
CA VAL C 217 28.58 -12.00 40.55
C VAL C 217 27.48 -12.65 41.39
N GLY C 218 26.97 -11.87 42.35
CA GLY C 218 25.94 -12.38 43.24
C GLY C 218 24.86 -11.34 43.49
N GLY C 219 23.75 -11.82 44.02
CA GLY C 219 22.63 -10.95 44.34
C GLY C 219 21.56 -11.71 45.10
N SER C 220 20.45 -11.01 45.36
CA SER C 220 19.33 -11.56 46.12
C SER C 220 18.03 -11.10 45.48
N MET C 221 17.14 -12.06 45.27
CA MET C 221 15.75 -11.82 44.93
C MET C 221 14.93 -12.24 46.14
N ILE C 222 14.40 -11.26 46.87
CA ILE C 222 13.55 -11.54 48.02
C ILE C 222 12.12 -11.58 47.49
N ILE C 223 11.58 -12.79 47.39
CA ILE C 223 10.23 -13.02 46.88
C ILE C 223 9.24 -12.76 48.00
N GLY C 224 8.39 -11.76 47.83
CA GLY C 224 7.35 -11.49 48.81
C GLY C 224 7.78 -10.61 49.97
N GLY C 225 8.91 -9.92 49.86
CA GLY C 225 9.38 -9.16 51.01
C GLY C 225 10.46 -8.16 50.70
N ILE C 226 10.81 -7.41 51.74
CA ILE C 226 11.88 -6.40 51.74
C ILE C 226 12.81 -6.75 52.90
N ASP C 227 14.07 -7.06 52.59
CA ASP C 227 15.02 -7.50 53.61
C ASP C 227 15.86 -6.31 54.05
N HIS C 228 15.78 -5.98 55.34
CA HIS C 228 16.36 -4.77 55.88
C HIS C 228 17.89 -4.74 55.76
N SER C 229 18.52 -5.90 55.65
CA SER C 229 19.98 -5.91 55.58
C SER C 229 20.51 -5.55 54.20
N LEU C 230 19.64 -5.46 53.19
CA LEU C 230 20.10 -5.27 51.81
C LEU C 230 20.23 -3.80 51.42
N TYR C 231 19.90 -2.87 52.32
CA TYR C 231 19.98 -1.45 51.98
C TYR C 231 20.34 -0.63 53.21
N THR C 232 20.78 0.61 52.96
CA THR C 232 20.94 1.60 53.99
C THR C 232 20.10 2.82 53.65
N GLY C 233 19.80 3.63 54.67
CA GLY C 233 19.03 4.83 54.42
C GLY C 233 17.57 4.54 54.09
N SER C 234 16.94 5.50 53.42
CA SER C 234 15.52 5.46 53.14
C SER C 234 15.21 4.90 51.76
N LEU C 235 14.04 4.27 51.67
CA LEU C 235 13.46 3.83 50.40
C LEU C 235 12.61 4.94 49.82
N TRP C 236 12.84 5.27 48.56
CA TRP C 236 12.04 6.25 47.85
C TRP C 236 11.32 5.55 46.70
N TYR C 237 10.04 5.87 46.51
CA TYR C 237 9.19 5.16 45.57
C TYR C 237 8.78 6.05 44.41
N THR C 238 8.85 5.51 43.22
CA THR C 238 8.36 6.14 42.03
C THR C 238 7.20 5.33 41.48
N PRO C 239 6.18 5.98 40.92
CA PRO C 239 5.01 5.24 40.45
C PRO C 239 5.37 4.36 39.26
N ILE C 240 4.71 3.20 39.21
CA ILE C 240 4.69 2.44 37.97
C ILE C 240 3.63 3.09 37.07
N ARG C 241 4.10 3.76 36.01
CA ARG C 241 3.19 4.57 35.20
C ARG C 241 2.13 3.70 34.52
N ARG C 242 2.51 2.50 34.12
CA ARG C 242 1.60 1.59 33.43
C ARG C 242 2.17 0.19 33.55
N GLU C 243 1.29 -0.79 33.76
CA GLU C 243 1.70 -2.16 34.08
C GLU C 243 1.85 -2.95 32.79
N TRP C 244 3.05 -2.86 32.20
CA TRP C 244 3.41 -3.73 31.07
C TRP C 244 4.87 -4.11 31.21
N TYR C 245 5.79 -3.22 30.87
CA TYR C 245 7.10 -3.20 31.49
C TYR C 245 6.97 -2.58 32.88
N TYR C 246 8.07 -2.55 33.63
CA TYR C 246 8.12 -1.73 34.84
C TYR C 246 8.50 -0.32 34.41
N GLU C 247 7.48 0.42 33.92
CA GLU C 247 7.72 1.72 33.32
C GLU C 247 7.69 2.82 34.37
N VAL C 248 8.68 3.70 34.32
CA VAL C 248 8.82 4.81 35.25
C VAL C 248 8.99 6.10 34.45
N ILE C 249 9.05 7.23 35.15
CA ILE C 249 9.17 8.54 34.50
C ILE C 249 10.37 9.27 35.07
N ILE C 250 11.34 9.57 34.22
CA ILE C 250 12.51 10.37 34.57
C ILE C 250 12.18 11.83 34.29
N VAL C 251 12.42 12.69 35.26
CA VAL C 251 12.06 14.10 35.13
C VAL C 251 13.27 15.00 34.97
N ARG C 252 14.48 14.52 35.26
CA ARG C 252 15.66 15.37 35.20
C ARG C 252 16.88 14.46 35.23
N VAL C 253 17.95 14.90 34.57
CA VAL C 253 19.19 14.14 34.49
C VAL C 253 20.35 15.08 34.76
N GLU C 254 21.28 14.67 35.62
CA GLU C 254 22.48 15.43 35.94
C GLU C 254 23.72 14.56 35.74
N ILE C 255 24.76 15.16 35.19
CA ILE C 255 26.10 14.59 35.16
C ILE C 255 26.93 15.44 36.13
N ASN C 256 27.33 14.86 37.26
CA ASN C 256 28.09 15.63 38.26
C ASN C 256 27.37 16.93 38.62
N GLY C 257 26.07 16.84 38.86
CA GLY C 257 25.29 18.01 39.21
C GLY C 257 24.94 18.94 38.08
N GLN C 258 25.56 18.80 36.91
CA GLN C 258 25.27 19.69 35.78
C GLN C 258 24.08 19.13 35.00
N ASP C 259 23.02 19.94 34.89
CA ASP C 259 21.77 19.53 34.25
C ASP C 259 21.99 19.26 32.76
N LEU C 260 21.48 18.12 32.29
CA LEU C 260 21.47 17.88 30.85
C LEU C 260 20.61 18.90 30.11
N LYS C 261 19.58 19.44 30.78
CA LYS C 261 18.86 20.61 30.26
C LYS C 261 18.10 20.28 28.98
N MET C 262 17.46 19.11 28.95
CA MET C 262 16.60 18.74 27.85
C MET C 262 15.15 18.79 28.27
N ASP C 263 14.27 18.89 27.26
CA ASP C 263 12.87 18.62 27.50
C ASP C 263 12.74 17.25 28.14
N CYS C 264 12.01 17.19 29.25
CA CYS C 264 11.99 15.93 29.98
C CYS C 264 11.31 14.82 29.19
N LYS C 265 10.54 15.16 28.15
CA LYS C 265 10.01 14.14 27.26
C LYS C 265 11.10 13.31 26.63
N GLU C 266 12.27 13.91 26.37
CA GLU C 266 13.35 13.18 25.72
C GLU C 266 13.87 12.04 26.59
N TYR C 267 13.83 12.19 27.92
CA TYR C 267 14.35 11.14 28.78
C TYR C 267 13.49 9.88 28.76
N ASN C 268 12.25 9.97 28.31
CA ASN C 268 11.30 8.86 28.38
C ASN C 268 10.74 8.51 27.00
N TYR C 269 11.45 8.85 25.93
CA TYR C 269 11.00 8.60 24.56
C TYR C 269 11.61 7.29 24.06
N ASP C 270 10.79 6.26 23.81
CA ASP C 270 9.33 6.30 23.96
C ASP C 270 8.84 5.59 25.22
N LYS C 271 9.77 5.27 26.12
CA LYS C 271 9.45 4.68 27.43
C LYS C 271 10.72 4.64 28.25
N SER C 272 10.55 4.54 29.58
CA SER C 272 11.66 4.31 30.48
C SER C 272 11.28 3.13 31.37
N ILE C 273 12.14 2.11 31.42
CA ILE C 273 11.84 0.88 32.15
C ILE C 273 13.00 0.47 33.06
N VAL C 274 12.67 -0.30 34.09
CA VAL C 274 13.66 -0.88 35.01
C VAL C 274 13.82 -2.35 34.66
N ASP C 275 15.04 -2.75 34.28
CA ASP C 275 15.24 -4.00 33.54
C ASP C 275 16.48 -4.73 34.05
N SER C 276 16.27 -5.75 34.88
CA SER C 276 17.36 -6.60 35.34
C SER C 276 17.94 -7.47 34.22
N GLY C 277 17.27 -7.56 33.07
CA GLY C 277 17.74 -8.36 31.96
C GLY C 277 18.59 -7.63 30.94
N THR C 278 19.04 -6.42 31.26
CA THR C 278 19.94 -5.63 30.42
C THR C 278 21.14 -5.19 31.26
N THR C 279 22.35 -5.30 30.71
CA THR C 279 23.53 -4.82 31.43
C THR C 279 23.55 -3.29 31.49
N ASN C 280 23.46 -2.65 30.32
CA ASN C 280 23.80 -1.24 30.19
C ASN C 280 22.70 -0.32 30.73
N LEU C 281 23.08 0.91 31.02
CA LEU C 281 22.14 2.02 31.03
C LEU C 281 21.99 2.49 29.60
N ARG C 282 20.84 2.21 29.00
CA ARG C 282 20.61 2.56 27.60
C ARG C 282 19.78 3.84 27.55
N LEU C 283 20.19 4.78 26.70
CA LEU C 283 19.53 6.07 26.64
C LEU C 283 19.06 6.38 25.22
N PRO C 284 17.93 7.08 25.08
CA PRO C 284 17.51 7.51 23.75
C PRO C 284 18.60 8.34 23.11
N LYS C 285 18.69 8.23 21.78
CA LYS C 285 19.86 8.72 21.03
C LYS C 285 20.23 10.14 21.43
N LYS C 286 19.27 11.06 21.39
CA LYS C 286 19.59 12.45 21.71
C LYS C 286 20.12 12.58 23.12
N VAL C 287 19.52 11.84 24.06
CA VAL C 287 19.98 11.87 25.45
C VAL C 287 21.36 11.25 25.57
N PHE C 288 21.58 10.11 24.90
CA PHE C 288 22.88 9.47 24.92
C PHE C 288 23.98 10.42 24.45
N GLU C 289 23.73 11.13 23.35
CA GLU C 289 24.74 12.04 22.81
C GLU C 289 25.09 13.15 23.80
N ALA C 290 24.07 13.83 24.33
CA ALA C 290 24.32 14.83 25.38
C ALA C 290 25.07 14.24 26.56
N ALA C 291 24.67 13.04 27.01
CA ALA C 291 25.31 12.46 28.19
C ALA C 291 26.78 12.16 27.94
N VAL C 292 27.10 11.56 26.79
CA VAL C 292 28.49 11.22 26.51
C VAL C 292 29.31 12.51 26.40
N LYS C 293 28.77 13.52 25.72
CA LYS C 293 29.46 14.80 25.63
C LYS C 293 29.84 15.32 27.01
N SER C 294 28.91 15.23 27.96
CA SER C 294 29.15 15.73 29.31
C SER C 294 30.17 14.88 30.05
N ILE C 295 30.07 13.55 29.94
CA ILE C 295 30.99 12.66 30.65
C ILE C 295 32.41 12.80 30.07
N LYS C 296 32.51 12.97 28.75
CA LYS C 296 33.80 13.27 28.13
C LYS C 296 34.42 14.52 28.73
N ALA C 297 33.63 15.58 28.86
CA ALA C 297 34.15 16.85 29.37
C ALA C 297 34.53 16.74 30.85
N ALA C 298 33.72 16.01 31.63
CA ALA C 298 34.02 15.88 33.03
C ALA C 298 35.29 15.06 33.25
N SER C 299 35.56 14.11 32.38
CA SER C 299 36.69 13.20 32.54
C SER C 299 37.89 13.63 31.70
N SER C 300 37.95 14.89 31.29
CA SER C 300 38.87 15.22 30.21
C SER C 300 40.34 15.26 30.64
N THR C 301 40.67 15.03 31.92
CA THR C 301 42.10 14.97 32.22
C THR C 301 42.76 13.71 31.66
N GLU C 302 41.98 12.71 31.23
CA GLU C 302 42.53 11.60 30.46
C GLU C 302 41.76 11.46 29.16
N LYS C 303 42.46 11.09 28.09
CA LYS C 303 41.84 10.91 26.79
C LYS C 303 41.79 9.43 26.46
N PHE C 304 40.66 8.99 25.92
CA PHE C 304 40.41 7.62 25.55
C PHE C 304 40.08 7.55 24.08
N PRO C 305 40.29 6.40 23.44
CA PRO C 305 39.97 6.30 22.01
C PRO C 305 38.47 6.37 21.80
N ASP C 306 38.07 6.90 20.65
CA ASP C 306 36.66 7.03 20.30
C ASP C 306 35.89 5.73 20.53
N GLY C 307 36.51 4.59 20.19
CA GLY C 307 35.85 3.31 20.34
C GLY C 307 35.42 3.01 21.76
N PHE C 308 36.10 3.60 22.76
CA PHE C 308 35.74 3.36 24.15
C PHE C 308 34.32 3.85 24.46
N TRP C 309 33.98 5.05 23.97
CA TRP C 309 32.69 5.64 24.27
C TRP C 309 31.55 4.96 23.52
N LEU C 310 31.85 4.19 22.47
CA LEU C 310 30.86 3.37 21.78
C LEU C 310 30.77 1.96 22.33
N GLY C 311 31.58 1.61 23.33
CA GLY C 311 31.56 0.28 23.90
C GLY C 311 32.37 -0.75 23.14
N GLU C 312 33.17 -0.35 22.16
CA GLU C 312 33.86 -1.29 21.28
C GLU C 312 35.34 -1.44 21.60
N GLN C 313 35.84 -0.72 22.60
CA GLN C 313 37.25 -0.78 22.98
C GLN C 313 37.36 -0.68 24.49
N LEU C 314 38.16 -1.55 25.08
CA LEU C 314 38.43 -1.50 26.51
C LEU C 314 39.43 -0.38 26.82
N VAL C 315 39.37 0.12 28.05
CA VAL C 315 40.37 1.02 28.58
C VAL C 315 40.97 0.35 29.82
N CYS C 316 42.27 0.50 30.02
CA CYS C 316 42.99 -0.21 31.06
C CYS C 316 43.85 0.75 31.88
N TRP C 317 44.01 0.40 33.16
CA TRP C 317 44.95 1.08 34.04
C TRP C 317 45.70 0.01 34.83
N GLN C 318 46.90 0.34 35.28
CA GLN C 318 47.64 -0.59 36.12
C GLN C 318 46.77 -0.99 37.32
N ALA C 319 46.89 -2.25 37.73
CA ALA C 319 45.99 -2.81 38.73
C ALA C 319 45.94 -1.93 39.97
N GLY C 320 44.72 -1.53 40.34
CA GLY C 320 44.49 -0.77 41.53
C GLY C 320 44.52 0.73 41.37
N THR C 321 44.92 1.24 40.20
CA THR C 321 45.09 2.67 40.01
C THR C 321 43.98 3.29 39.18
N THR C 322 42.84 2.60 39.02
CA THR C 322 41.75 3.17 38.22
C THR C 322 41.37 4.53 38.78
N PRO C 323 41.39 5.60 37.98
CA PRO C 323 41.15 6.94 38.56
C PRO C 323 39.66 7.28 38.62
N TRP C 324 38.95 6.54 39.48
CA TRP C 324 37.50 6.69 39.62
C TRP C 324 37.11 8.15 39.73
N ASN C 325 37.88 8.94 40.49
CA ASN C 325 37.48 10.29 40.86
C ASN C 325 37.43 11.23 39.67
N ILE C 326 38.11 10.93 38.56
CA ILE C 326 38.04 11.84 37.43
C ILE C 326 36.74 11.65 36.64
N PHE C 327 36.04 10.55 36.85
CA PHE C 327 34.79 10.30 36.14
C PHE C 327 33.62 10.82 36.95
N PRO C 328 32.58 11.31 36.30
CA PRO C 328 31.46 11.92 37.04
C PRO C 328 30.45 10.90 37.54
N VAL C 329 29.66 11.36 38.53
CA VAL C 329 28.46 10.62 38.93
C VAL C 329 27.32 11.00 38.00
N ILE C 330 26.34 10.11 37.91
CA ILE C 330 25.19 10.27 37.04
C ILE C 330 23.92 10.19 37.87
N SER C 331 23.06 11.20 37.77
CA SER C 331 21.85 11.25 38.58
C SER C 331 20.62 11.23 37.69
N LEU C 332 19.68 10.35 38.02
CA LEU C 332 18.35 10.33 37.40
C LEU C 332 17.35 10.77 38.44
N TYR C 333 16.53 11.76 38.10
CA TYR C 333 15.43 12.16 38.97
C TYR C 333 14.18 11.45 38.52
N LEU C 334 13.53 10.76 39.46
CA LEU C 334 12.33 9.96 39.18
C LEU C 334 11.11 10.65 39.77
N MET C 335 9.98 10.51 39.09
CA MET C 335 8.75 11.09 39.61
C MET C 335 8.45 10.49 40.98
N GLY C 336 8.04 11.34 41.92
CA GLY C 336 7.73 10.89 43.26
C GLY C 336 6.27 10.49 43.39
N GLU C 337 5.91 10.02 44.59
CA GLU C 337 4.53 9.62 44.84
C GLU C 337 3.66 10.79 45.26
N VAL C 338 4.27 11.79 45.85
CA VAL C 338 3.58 13.02 46.22
C VAL C 338 3.59 13.95 45.01
N THR C 339 2.53 14.75 44.90
CA THR C 339 2.39 15.66 43.77
C THR C 339 3.52 16.67 43.74
N ASN C 340 4.07 16.89 42.55
CA ASN C 340 5.12 17.88 42.32
C ASN C 340 6.37 17.58 43.13
N GLN C 341 6.63 16.31 43.42
CA GLN C 341 7.84 15.90 44.12
C GLN C 341 8.56 14.83 43.30
N SER C 342 9.88 14.92 43.31
CA SER C 342 10.72 13.88 42.73
C SER C 342 11.81 13.53 43.74
N PHE C 343 12.52 12.45 43.44
CA PHE C 343 13.73 12.09 44.16
C PHE C 343 14.79 11.71 43.14
N ARG C 344 16.02 11.59 43.61
CA ARG C 344 17.21 11.47 42.79
C ARG C 344 17.96 10.18 43.14
N ILE C 345 18.32 9.40 42.14
CA ILE C 345 19.23 8.28 42.33
C ILE C 345 20.54 8.59 41.60
N THR C 346 21.66 8.24 42.22
CA THR C 346 22.98 8.62 41.72
C THR C 346 23.89 7.39 41.69
N ILE C 347 24.48 7.12 40.53
CA ILE C 347 25.42 6.01 40.40
C ILE C 347 26.82 6.55 40.12
N LEU C 348 27.80 5.67 40.27
CA LEU C 348 29.22 5.98 40.18
C LEU C 348 29.85 5.37 38.94
N PRO C 349 31.03 5.85 38.54
CA PRO C 349 31.79 5.12 37.49
C PRO C 349 31.99 3.66 37.83
N GLN C 350 32.04 3.31 39.12
CA GLN C 350 32.13 1.90 39.48
C GLN C 350 30.96 1.11 38.91
N GLN C 351 29.81 1.76 38.71
CA GLN C 351 28.65 1.10 38.10
C GLN C 351 28.71 1.11 36.57
N TYR C 352 29.08 2.22 35.94
CA TYR C 352 28.97 2.28 34.48
C TYR C 352 30.27 2.00 33.74
N LEU C 353 31.40 1.80 34.44
CA LEU C 353 32.59 1.21 33.83
C LEU C 353 32.66 -0.26 34.24
N ARG C 354 32.46 -1.18 33.27
CA ARG C 354 32.34 -2.59 33.69
C ARG C 354 33.69 -3.27 33.59
N PRO C 355 34.13 -3.94 34.65
CA PRO C 355 35.40 -4.67 34.58
C PRO C 355 35.31 -5.85 33.61
N VAL C 356 36.37 -6.07 32.86
CA VAL C 356 36.47 -7.19 31.94
C VAL C 356 37.66 -8.03 32.36
N GLU C 357 37.42 -9.24 32.85
CA GLU C 357 38.51 -10.10 33.30
C GLU C 357 39.24 -10.69 32.10
N ASP C 358 40.57 -10.74 32.20
CA ASP C 358 41.39 -11.27 31.11
C ASP C 358 42.80 -11.58 31.59
N VAL C 359 43.30 -12.78 31.28
CA VAL C 359 44.68 -13.12 31.61
C VAL C 359 45.66 -12.25 30.83
N ALA C 360 45.27 -11.79 29.64
CA ALA C 360 46.15 -10.98 28.80
C ALA C 360 46.54 -9.66 29.46
N THR C 361 45.76 -9.20 30.44
CA THR C 361 46.10 -8.03 31.25
C THR C 361 45.87 -8.40 32.72
N SER C 362 46.76 -9.24 33.25
CA SER C 362 46.73 -9.55 34.67
C SER C 362 47.32 -8.40 35.50
N GLN C 363 48.25 -7.64 34.91
CA GLN C 363 48.81 -6.48 35.59
C GLN C 363 47.89 -5.25 35.53
N ASP C 364 46.83 -5.29 34.73
CA ASP C 364 45.93 -4.16 34.54
C ASP C 364 44.51 -4.52 34.93
N ASP C 365 43.72 -3.49 35.22
CA ASP C 365 42.27 -3.58 35.29
C ASP C 365 41.71 -2.89 34.05
N CYS C 366 40.86 -3.61 33.30
CA CYS C 366 40.35 -3.11 32.03
C CYS C 366 38.83 -3.04 32.08
N TYR C 367 38.27 -2.01 31.46
CA TYR C 367 36.86 -1.71 31.62
C TYR C 367 36.21 -1.40 30.28
N LYS C 368 34.93 -1.73 30.20
CA LYS C 368 34.07 -1.38 29.09
C LYS C 368 33.11 -0.27 29.55
N PHE C 369 32.89 0.72 28.69
CA PHE C 369 31.93 1.78 28.98
C PHE C 369 30.53 1.24 28.71
N ALA C 370 29.65 1.27 29.72
CA ALA C 370 28.38 0.55 29.64
C ALA C 370 27.17 1.48 29.62
N ILE C 371 27.32 2.68 29.07
CA ILE C 371 26.19 3.54 28.75
C ILE C 371 26.14 3.61 27.24
N SER C 372 24.96 3.37 26.66
CA SER C 372 24.87 3.12 25.24
C SER C 372 23.53 3.62 24.72
N GLN C 373 23.46 3.66 23.39
CA GLN C 373 22.36 4.26 22.67
C GLN C 373 21.18 3.30 22.56
N SER C 374 19.97 3.85 22.52
CA SER C 374 18.75 3.07 22.33
C SER C 374 17.81 3.80 21.39
N SER C 375 17.04 3.02 20.63
CA SER C 375 15.93 3.57 19.86
C SER C 375 14.58 3.11 20.41
N THR C 376 14.58 2.40 21.52
CA THR C 376 13.35 1.89 22.14
C THR C 376 13.21 2.40 23.57
N GLY C 377 13.77 3.57 23.86
CA GLY C 377 13.59 4.22 25.14
C GLY C 377 14.72 3.95 26.11
N THR C 378 14.60 4.58 27.26
CA THR C 378 15.57 4.42 28.34
C THR C 378 15.43 3.04 28.95
N VAL C 379 16.56 2.36 29.18
CA VAL C 379 16.58 1.08 29.88
C VAL C 379 17.49 1.24 31.07
N MET C 380 16.91 1.18 32.27
CA MET C 380 17.69 1.21 33.51
C MET C 380 18.09 -0.23 33.81
N GLY C 381 19.23 -0.66 33.23
CA GLY C 381 19.70 -2.01 33.38
C GLY C 381 20.53 -2.19 34.64
N ALA C 382 21.42 -3.20 34.59
CA ALA C 382 22.24 -3.53 35.77
C ALA C 382 23.15 -2.37 36.15
N VAL C 383 23.49 -1.49 35.20
CA VAL C 383 24.33 -0.35 35.53
C VAL C 383 23.62 0.54 36.55
N ILE C 384 22.29 0.65 36.44
CA ILE C 384 21.52 1.38 37.44
C ILE C 384 21.23 0.49 38.66
N MET C 385 20.77 -0.74 38.42
CA MET C 385 20.27 -1.56 39.52
C MET C 385 21.38 -1.99 40.48
N GLU C 386 22.63 -2.08 40.02
CA GLU C 386 23.69 -2.48 40.94
C GLU C 386 24.09 -1.39 41.90
N GLY C 387 23.55 -0.17 41.75
CA GLY C 387 23.72 0.83 42.78
C GLY C 387 22.76 0.71 43.95
N PHE C 388 21.65 -0.02 43.78
CA PHE C 388 20.49 0.15 44.64
C PHE C 388 19.86 -1.20 45.00
N TYR C 389 19.13 -1.20 46.11
CA TYR C 389 18.13 -2.21 46.41
C TYR C 389 16.83 -1.74 45.78
N VAL C 390 16.23 -2.56 44.93
CA VAL C 390 15.11 -2.13 44.11
C VAL C 390 13.90 -2.96 44.50
N VAL C 391 12.85 -2.30 44.97
CA VAL C 391 11.64 -2.98 45.42
C VAL C 391 10.58 -2.84 44.33
N PHE C 392 10.14 -3.97 43.78
CA PHE C 392 9.09 -3.98 42.78
C PHE C 392 7.76 -4.20 43.49
N ASP C 393 7.21 -3.09 43.98
CA ASP C 393 6.02 -3.13 44.83
C ASP C 393 4.79 -3.15 43.92
N ARG C 394 4.51 -4.33 43.38
CA ARG C 394 3.38 -4.50 42.47
C ARG C 394 2.05 -4.23 43.15
N ALA C 395 1.93 -4.52 44.45
CA ALA C 395 0.65 -4.31 45.11
C ALA C 395 0.29 -2.83 45.16
N ARG C 396 1.27 -1.94 45.33
CA ARG C 396 1.03 -0.51 45.42
C ARG C 396 1.48 0.24 44.16
N LYS C 397 1.71 -0.49 43.06
CA LYS C 397 1.99 0.09 41.75
C LYS C 397 3.14 1.10 41.83
N ARG C 398 4.23 0.68 42.45
CA ARG C 398 5.35 1.57 42.69
C ARG C 398 6.63 0.76 42.77
N ILE C 399 7.75 1.43 42.50
CA ILE C 399 9.07 0.82 42.53
C ILE C 399 9.93 1.64 43.47
N GLY C 400 10.53 0.97 44.47
CA GLY C 400 11.34 1.61 45.48
C GLY C 400 12.84 1.50 45.20
N PHE C 401 13.57 2.54 45.57
CA PHE C 401 15.01 2.57 45.44
C PHE C 401 15.60 2.97 46.78
N ALA C 402 16.65 2.26 47.20
CA ALA C 402 17.46 2.65 48.33
C ALA C 402 18.90 2.28 48.02
N VAL C 403 19.85 2.96 48.69
CA VAL C 403 21.26 2.65 48.50
C VAL C 403 21.50 1.18 48.82
N SER C 404 22.23 0.49 47.95
CA SER C 404 22.47 -0.93 48.14
C SER C 404 23.59 -1.14 49.14
N ALA C 405 23.39 -2.06 50.10
CA ALA C 405 24.44 -2.37 51.05
C ALA C 405 25.61 -3.11 50.41
N CYS C 406 25.47 -3.62 49.19
CA CYS C 406 26.60 -4.31 48.57
C CYS C 406 27.24 -3.54 47.42
N HIS C 407 26.74 -2.36 47.07
CA HIS C 407 27.18 -1.73 45.81
C HIS C 407 28.66 -1.36 45.86
N VAL C 408 29.31 -1.41 44.70
CA VAL C 408 30.73 -1.17 44.60
C VAL C 408 30.97 0.34 44.62
N HIS C 409 31.86 0.79 45.48
CA HIS C 409 32.20 2.22 45.55
C HIS C 409 33.63 2.36 46.08
N ASP C 410 34.06 3.59 46.36
CA ASP C 410 35.38 3.83 46.91
C ASP C 410 35.24 4.61 48.21
N GLU C 411 36.37 4.99 48.79
CA GLU C 411 36.33 5.62 50.11
C GLU C 411 35.67 7.01 50.07
N PHE C 412 35.66 7.68 48.92
CA PHE C 412 35.24 9.08 48.87
C PHE C 412 33.84 9.31 48.31
N ARG C 413 33.28 8.36 47.57
CA ARG C 413 31.96 8.52 46.97
C ARG C 413 31.17 7.24 47.12
N THR C 414 29.85 7.40 47.22
N THR C 414 29.85 7.40 47.29
CA THR C 414 28.93 6.29 47.30
CA THR C 414 28.94 6.26 47.27
C THR C 414 27.71 6.59 46.45
C THR C 414 27.77 6.59 46.36
N ALA C 415 27.05 5.55 45.94
CA ALA C 415 25.76 5.77 45.29
C ALA C 415 24.81 6.42 46.29
N ALA C 416 23.75 7.04 45.79
CA ALA C 416 22.89 7.82 46.69
C ALA C 416 21.46 7.79 46.20
N VAL C 417 20.55 7.96 47.16
CA VAL C 417 19.13 8.14 46.91
C VAL C 417 18.70 9.27 47.82
N GLU C 418 18.25 10.39 47.23
N GLU C 418 18.30 10.40 47.24
CA GLU C 418 18.01 11.61 47.99
CA GLU C 418 18.00 11.59 48.03
C GLU C 418 16.72 12.26 47.53
C GLU C 418 16.69 12.20 47.55
N GLY C 419 16.03 12.91 48.46
CA GLY C 419 14.80 13.61 48.15
C GLY C 419 14.26 14.35 49.35
N PRO C 420 13.17 15.09 49.17
CA PRO C 420 12.46 15.33 47.92
C PRO C 420 12.95 16.57 47.18
N PHE C 421 12.56 16.68 45.92
CA PHE C 421 12.82 17.87 45.13
C PHE C 421 11.51 18.35 44.54
N VAL C 422 11.38 19.66 44.40
CA VAL C 422 10.17 20.24 43.83
C VAL C 422 10.31 20.21 42.31
N THR C 423 9.40 19.49 41.65
CA THR C 423 9.45 19.32 40.20
C THR C 423 8.04 19.48 39.64
N LEU C 424 7.87 20.46 38.76
CA LEU C 424 6.54 20.78 38.24
C LEU C 424 6.29 20.11 36.90
N ASP C 425 5.02 19.80 36.65
CA ASP C 425 4.54 19.32 35.36
C ASP C 425 5.22 18.01 34.94
N MET C 426 5.48 17.14 35.93
CA MET C 426 6.16 15.88 35.65
C MET C 426 5.37 14.97 34.74
N GLU C 427 4.03 15.09 34.77
CA GLU C 427 3.20 14.25 33.91
C GLU C 427 3.49 14.51 32.44
N ASP C 428 3.96 15.71 32.10
CA ASP C 428 4.32 16.05 30.73
C ASP C 428 5.53 15.31 30.21
N CYS C 429 6.29 14.64 31.08
CA CYS C 429 7.51 13.96 30.66
C CYS C 429 7.24 12.62 29.98
N GLY C 430 6.03 12.08 30.12
CA GLY C 430 5.75 10.77 29.59
C GLY C 430 5.38 10.78 28.12
N TYR C 431 5.74 9.70 27.43
CA TYR C 431 5.43 9.53 26.02
C TYR C 431 3.99 9.11 25.83
N ASN C 432 3.29 9.81 24.94
CA ASN C 432 1.93 9.46 24.57
C ASN C 432 1.72 9.77 23.10
C1 HRV D . -2.06 2.11 11.88
C10 HRV D . -2.68 4.05 14.35
C14 HRV D . -4.00 3.73 11.63
C15 HRV D . -4.44 4.86 10.95
C16 HRV D . -5.80 5.07 10.74
C18 HRV D . -7.40 6.74 9.96
C2 HRV D . -2.47 3.56 11.82
C20 HRV D . -7.44 7.96 9.15
C22 HRV D . -6.65 9.04 7.27
C23 HRV D . -7.44 10.15 7.53
C25 HRV D . -8.25 10.16 8.65
C26 HRV D . -8.25 9.04 9.48
C28 HRV D . -6.76 4.17 11.21
C29 HRV D . -6.33 3.04 11.90
C30 HRV D . -4.96 2.83 12.10
C4 HRV D . -1.18 5.36 10.61
C6 HRV D . -1.17 6.20 11.83
C8 HRV D . -1.94 4.33 13.06
F11 HRV D . -2.01 4.64 15.38
F12 HRV D . -3.95 4.52 14.33
F13 HRV D . -2.75 2.73 14.60
F31 HRV D . -4.58 1.75 12.78
N17 HRV D . -6.14 6.23 10.06
N21 HRV D . -6.63 7.93 8.06
N3 HRV D . -1.79 4.17 10.63
N5 HRV D . -0.59 5.89 9.54
O19 HRV D . -8.44 6.26 10.40
O7 HRV D . -2.09 5.73 12.81
CL24 HRV D . -7.41 11.52 6.47
CL27 HRV D . -9.27 9.10 10.87
C1 HRV E . -9.28 4.24 -39.70
C10 HRV E . -8.72 4.75 -42.90
C14 HRV E . -11.25 4.58 -41.25
C15 HRV E . -12.36 3.96 -41.81
C16 HRV E . -13.50 4.68 -42.14
C18 HRV E . -15.55 4.49 -43.51
C2 HRV E . -10.03 3.71 -40.90
C20 HRV E . -16.45 3.48 -44.09
C22 HRV E . -17.54 1.49 -43.69
C23 HRV E . -18.13 1.52 -44.94
C25 HRV E . -17.85 2.58 -45.79
C26 HRV E . -16.99 3.60 -45.37
C28 HRV E . -13.54 6.05 -41.92
C29 HRV E . -12.43 6.69 -41.35
C30 HRV E . -11.29 5.96 -41.03
C4 HRV E . -10.51 1.25 -41.17
C6 HRV E . -9.77 1.29 -42.46
C8 HRV E . -9.08 3.49 -42.10
F11 HRV E . -7.78 4.43 -43.82
F12 HRV E . -9.75 5.31 -43.59
F13 HRV E . -8.20 5.71 -42.10
F31 HRV E . -10.21 6.57 -40.48
N17 HRV E . -14.57 3.96 -42.70
N21 HRV E . -16.70 2.45 -43.25
N3 HRV E . -10.61 2.37 -40.47
N5 HRV E . -11.04 0.09 -40.82
O19 HRV E . -15.79 5.68 -43.70
O7 HRV E . -9.78 2.62 -42.99
CL24 HRV E . -19.20 0.25 -45.42
CL27 HRV E . -16.65 4.92 -46.43
C1 HRV F . 14.48 -11.07 26.54
C10 HRV F . 16.59 -9.75 24.60
C14 HRV F . 16.82 -11.03 27.28
C15 HRV F . 17.81 -10.56 28.14
C16 HRV F . 18.90 -11.35 28.44
C18 HRV F . 21.09 -11.26 29.54
C2 HRV F . 15.62 -10.15 26.92
C20 HRV F . 21.78 -10.41 30.54
C22 HRV F . 21.53 -9.18 32.47
C23 HRV F . 22.89 -8.87 32.50
C25 HRV F . 23.71 -9.36 31.50
C26 HRV F . 23.15 -10.15 30.48
C28 HRV F . 19.02 -12.64 27.90
C29 HRV F . 18.02 -13.11 27.03
C30 HRV F . 16.93 -12.30 26.73
C4 HRV F . 15.51 -8.08 28.32
C6 HRV F . 16.08 -7.29 27.19
C8 HRV F . 15.91 -9.12 25.79
F11 HRV F . 16.72 -8.82 23.60
F12 HRV F . 17.82 -10.21 24.93
F13 HRV F . 15.85 -10.78 24.10
F31 HRV F . 15.94 -12.70 25.91
N17 HRV F . 19.84 -10.78 29.30
N21 HRV F . 20.96 -9.94 31.51
N3 HRV F . 15.31 -9.38 28.15
N5 HRV F . 15.22 -7.40 29.41
O19 HRV F . 21.61 -12.27 29.07
O7 HRV F . 16.80 -8.15 26.30
CL24 HRV F . 23.51 -7.89 33.79
CL27 HRV F . 24.20 -10.73 29.25
C1 HRV G . 12.47 -8.01 64.35
C10 HRV G . 13.63 -7.74 61.55
C14 HRV G . 11.61 -5.95 63.18
C15 HRV G . 10.54 -5.34 62.51
C16 HRV G . 10.41 -3.95 62.48
C18 HRV G . 8.13 -4.06 61.85
C2 HRV G . 11.68 -7.50 63.17
C20 HRV G . 6.94 -3.34 61.40
C22 HRV G . 5.36 -3.01 59.78
C23 HRV G . 4.73 -2.04 60.55
C25 HRV G . 5.23 -1.72 61.80
C26 HRV G . 6.37 -2.39 62.24
C28 HRV G . 11.36 -3.14 63.11
C29 HRV G . 12.42 -3.74 63.79
C30 HRV G . 12.56 -5.14 63.82
C4 HRV G . 9.47 -8.26 62.25
C6 HRV G . 10.01 -8.16 60.87
C8 HRV G . 12.21 -8.16 61.87
F11 HRV G . 14.03 -8.37 60.41
F12 HRV G . 13.72 -6.40 61.34
F13 HRV G . 14.52 -8.07 62.52
F31 HRV G . 13.60 -5.67 64.48
N17 HRV G . 9.33 -3.38 61.80
N21 HRV G . 6.46 -3.68 60.18
N3 HRV G . 10.26 -7.96 63.28
N5 HRV G . 8.22 -8.65 62.33
O19 HRV G . 7.98 -5.22 62.23
O7 HRV G . 11.38 -7.75 60.78
CL24 HRV G . 3.32 -1.23 59.99
CL27 HRV G . 7.02 -2.01 63.78
#